data_4FBP
#
_entry.id   4FBP
#
_cell.length_a   78.500
_cell.length_b   88.500
_cell.length_c   211.100
_cell.angle_alpha   90.00
_cell.angle_beta   90.00
_cell.angle_gamma   90.00
#
_symmetry.space_group_name_H-M   'P 21 21 21'
#
loop_
_entity.id
_entity.type
_entity.pdbx_description
1 polymer 'FRUCTOSE 1,6-BISPHOSPHATASE'
2 non-polymer 'ADENOSINE MONOPHOSPHATE'
3 water water
#
_entity_poly.entity_id   1
_entity_poly.type   'polypeptide(L)'
_entity_poly.pdbx_seq_one_letter_code
;TDQAAFDTNIVTLTRFVMEQGRKARGTGEMTQLLNSLCTAVKAISTAVRKAGIAHLYGIAGSTNVTGDQVKKLDVLSNDL
VINVLKSSFATCVLVTEEDKNAIIVEPEKRGKYVVCFDPLDGSSNIDCLVSIGTIFGIYRKNSTDEPSEKDALQPGRNLV
AAGYALYGSATMLVLAMVNGVNCFMLDPAIGEFILVDRNVKIKKKGSIYSINEGYAKEFDPAITEYIQRKKFPPDNSAPY
GARYVGSMVADVHRTLVYGGIFMYPANKKSPKGKLRLLYECNPMAYVMEKAGGLATTGKEAVLDIVPTDIHQRAPIILGS
PEDVTELLEIYQKHA
;
_entity_poly.pdbx_strand_id   A,B,C,D
#
# COMPACT_ATOMS: atom_id res chain seq x y z
N ASN A 9 10.49 22.12 6.24
CA ASN A 9 9.87 21.12 7.10
C ASN A 9 8.61 20.76 6.37
N ILE A 10 8.08 19.56 6.52
CA ILE A 10 6.77 19.36 5.97
C ILE A 10 5.82 19.65 7.11
N VAL A 11 4.54 19.77 6.74
CA VAL A 11 3.48 19.93 7.68
C VAL A 11 2.52 18.82 7.32
N THR A 12 2.29 17.93 8.25
CA THR A 12 1.35 16.87 8.06
C THR A 12 0.04 17.44 8.57
N LEU A 13 -1.10 16.93 8.13
CA LEU A 13 -2.37 17.37 8.67
C LEU A 13 -2.32 17.22 10.17
N THR A 14 -1.76 16.14 10.71
CA THR A 14 -1.72 16.01 12.17
C THR A 14 -0.93 17.13 12.84
N ARG A 15 0.22 17.54 12.28
CA ARG A 15 0.94 18.62 12.90
C ARG A 15 0.12 19.94 12.77
N PHE A 16 -0.58 20.20 11.67
CA PHE A 16 -1.33 21.43 11.47
C PHE A 16 -2.51 21.55 12.41
N VAL A 17 -3.34 20.53 12.45
CA VAL A 17 -4.53 20.59 13.28
C VAL A 17 -4.06 20.80 14.71
N MET A 18 -2.99 20.13 15.16
CA MET A 18 -2.54 20.35 16.51
C MET A 18 -2.03 21.76 16.69
N GLU A 19 -1.18 22.33 15.83
CA GLU A 19 -0.71 23.66 16.16
C GLU A 19 -1.80 24.71 16.07
N GLN A 20 -2.82 24.58 15.22
CA GLN A 20 -3.88 25.55 15.18
C GLN A 20 -4.75 25.41 16.41
N GLY A 21 -4.84 24.21 16.97
CA GLY A 21 -5.56 23.92 18.21
C GLY A 21 -4.84 24.60 19.38
N ARG A 22 -3.51 24.40 19.46
CA ARG A 22 -2.68 25.07 20.46
C ARG A 22 -2.85 26.60 20.40
N LYS A 23 -2.81 27.21 19.21
CA LYS A 23 -3.00 28.65 19.05
C LYS A 23 -4.41 29.10 19.42
N ALA A 24 -5.49 28.38 19.08
CA ALA A 24 -6.84 28.78 19.44
C ALA A 24 -7.14 28.58 20.92
N ARG A 25 -6.22 27.90 21.61
CA ARG A 25 -6.33 27.62 23.02
C ARG A 25 -7.59 26.84 23.40
N GLY A 26 -7.83 25.75 22.69
CA GLY A 26 -8.98 24.91 23.00
C GLY A 26 -8.59 23.76 23.91
N THR A 27 -9.57 23.08 24.49
CA THR A 27 -9.37 21.93 25.37
C THR A 27 -8.88 20.62 24.69
N GLY A 28 -8.51 20.65 23.41
CA GLY A 28 -8.17 19.46 22.67
C GLY A 28 -9.33 18.65 22.14
N GLU A 29 -10.59 18.97 22.44
CA GLU A 29 -11.73 18.25 21.87
C GLU A 29 -11.90 18.41 20.34
N MET A 30 -11.84 19.61 19.76
CA MET A 30 -12.03 19.71 18.33
C MET A 30 -10.80 19.12 17.64
N THR A 31 -9.57 19.21 18.15
CA THR A 31 -8.45 18.52 17.53
C THR A 31 -8.73 17.02 17.55
N GLN A 32 -9.27 16.45 18.61
CA GLN A 32 -9.68 15.08 18.56
C GLN A 32 -10.72 14.82 17.49
N LEU A 33 -11.62 15.75 17.17
CA LEU A 33 -12.59 15.55 16.11
C LEU A 33 -11.95 15.51 14.72
N LEU A 34 -11.17 16.53 14.42
CA LEU A 34 -10.48 16.62 13.16
C LEU A 34 -9.51 15.45 12.95
N ASN A 35 -8.80 14.99 13.98
CA ASN A 35 -7.96 13.81 13.86
C ASN A 35 -8.80 12.60 13.55
N SER A 36 -9.93 12.41 14.22
CA SER A 36 -10.80 11.29 13.90
C SER A 36 -11.31 11.38 12.47
N LEU A 37 -11.56 12.58 11.96
CA LEU A 37 -12.15 12.70 10.64
C LEU A 37 -11.11 12.33 9.61
N CYS A 38 -9.90 12.80 9.84
CA CYS A 38 -8.79 12.48 8.99
C CYS A 38 -8.59 10.97 8.93
N THR A 39 -8.73 10.22 10.03
CA THR A 39 -8.70 8.76 10.01
C THR A 39 -9.86 8.15 9.25
N ALA A 40 -11.10 8.67 9.28
CA ALA A 40 -12.18 8.04 8.53
C ALA A 40 -11.96 8.27 7.05
N VAL A 41 -11.46 9.45 6.69
CA VAL A 41 -11.18 9.76 5.30
C VAL A 41 -10.15 8.80 4.70
N LYS A 42 -9.06 8.41 5.40
CA LYS A 42 -8.09 7.44 4.88
C LYS A 42 -8.69 6.04 4.70
N ALA A 43 -9.55 5.70 5.65
CA ALA A 43 -10.26 4.45 5.64
C ALA A 43 -11.21 4.38 4.46
N ILE A 44 -11.90 5.49 4.14
CA ILE A 44 -12.77 5.52 2.99
C ILE A 44 -11.92 5.46 1.73
N SER A 45 -10.85 6.24 1.60
CA SER A 45 -9.99 6.19 0.44
C SER A 45 -9.46 4.79 0.11
N THR A 46 -9.01 4.03 1.07
CA THR A 46 -8.53 2.67 0.86
C THR A 46 -9.61 1.76 0.34
N ALA A 47 -10.83 1.95 0.83
CA ALA A 47 -11.94 1.10 0.42
C ALA A 47 -12.38 1.40 -1.01
N VAL A 48 -12.46 2.70 -1.32
CA VAL A 48 -12.84 3.21 -2.64
C VAL A 48 -11.88 2.73 -3.74
N ARG A 49 -10.57 2.81 -3.51
CA ARG A 49 -9.60 2.31 -4.44
C ARG A 49 -9.61 0.80 -4.58
N LYS A 50 -10.50 0.10 -3.86
CA LYS A 50 -10.72 -1.33 -3.93
C LYS A 50 -9.57 -2.21 -3.48
N ALA A 51 -8.91 -1.80 -2.39
CA ALA A 51 -7.89 -2.66 -1.81
C ALA A 51 -8.67 -3.81 -1.18
N GLY A 52 -8.39 -5.06 -1.53
CA GLY A 52 -9.08 -6.20 -0.96
C GLY A 52 -10.17 -6.81 -1.84
N ILE A 53 -10.37 -6.35 -3.09
CA ILE A 53 -11.41 -6.92 -3.93
C ILE A 53 -11.11 -8.35 -4.32
N ALA A 54 -9.85 -8.80 -4.39
CA ALA A 54 -9.58 -10.19 -4.73
C ALA A 54 -10.36 -11.16 -3.83
N HIS A 55 -10.57 -10.81 -2.57
CA HIS A 55 -11.34 -11.64 -1.66
C HIS A 55 -12.78 -11.75 -2.09
N LEU A 56 -13.35 -10.70 -2.68
CA LEU A 56 -14.73 -10.80 -3.18
C LEU A 56 -14.82 -11.69 -4.40
N TYR A 57 -13.71 -11.81 -5.12
CA TYR A 57 -13.65 -12.63 -6.32
C TYR A 57 -13.13 -14.05 -6.12
N GLY A 58 -13.14 -14.44 -4.84
CA GLY A 58 -12.88 -15.80 -4.44
C GLY A 58 -11.45 -16.23 -4.23
N ILE A 59 -10.57 -15.35 -3.76
CA ILE A 59 -9.20 -15.79 -3.54
C ILE A 59 -9.10 -16.66 -2.25
N ALA A 60 -10.22 -16.82 -1.53
CA ALA A 60 -10.46 -17.60 -0.32
C ALA A 60 -9.80 -17.09 0.97
N GLY A 61 -10.13 -17.73 2.10
CA GLY A 61 -9.60 -17.38 3.42
C GLY A 61 -10.39 -17.95 4.59
N SER A 62 -11.51 -18.41 4.38
N LYS A 72 -23.77 -0.47 -1.28
CA LYS A 72 -22.90 -1.15 -0.31
C LYS A 72 -21.54 -0.50 0.03
N LEU A 73 -20.90 0.37 -0.77
CA LEU A 73 -19.65 1.02 -0.36
C LEU A 73 -20.07 2.25 0.44
N ASP A 74 -21.15 2.83 -0.03
CA ASP A 74 -21.93 3.91 0.57
C ASP A 74 -22.14 3.56 2.04
N VAL A 75 -22.73 2.38 2.30
CA VAL A 75 -22.91 1.88 3.66
C VAL A 75 -21.65 1.91 4.50
N LEU A 76 -20.59 1.35 3.96
CA LEU A 76 -19.36 1.25 4.72
C LEU A 76 -18.74 2.61 4.99
N SER A 77 -18.85 3.53 4.04
CA SER A 77 -18.34 4.87 4.25
C SER A 77 -19.18 5.55 5.35
N ASN A 78 -20.47 5.25 5.42
CA ASN A 78 -21.33 5.81 6.44
C ASN A 78 -20.93 5.21 7.79
N ASP A 79 -20.71 3.89 7.86
CA ASP A 79 -20.33 3.22 9.09
C ASP A 79 -19.01 3.64 9.61
N LEU A 80 -18.04 3.82 8.72
CA LEU A 80 -16.74 4.24 9.14
C LEU A 80 -16.88 5.62 9.76
N VAL A 81 -17.54 6.58 9.09
CA VAL A 81 -17.64 7.95 9.59
C VAL A 81 -18.32 8.04 10.95
N ILE A 82 -19.49 7.44 11.06
CA ILE A 82 -20.23 7.43 12.30
C ILE A 82 -19.38 6.81 13.40
N ASN A 83 -18.85 5.59 13.23
CA ASN A 83 -18.15 4.97 14.35
C ASN A 83 -16.87 5.67 14.70
N VAL A 84 -16.16 6.18 13.71
CA VAL A 84 -14.94 6.90 14.01
C VAL A 84 -15.30 8.22 14.66
N LEU A 85 -16.37 8.93 14.24
CA LEU A 85 -16.67 10.21 14.84
C LEU A 85 -17.22 9.97 16.25
N LYS A 86 -17.96 8.90 16.50
CA LYS A 86 -18.45 8.57 17.84
C LYS A 86 -17.30 8.36 18.79
N SER A 87 -16.30 7.58 18.36
CA SER A 87 -15.13 7.26 19.16
C SER A 87 -14.24 8.44 19.50
N SER A 88 -14.44 9.66 18.97
CA SER A 88 -13.58 10.76 19.39
C SER A 88 -14.12 11.40 20.67
N PHE A 89 -15.36 11.07 21.07
CA PHE A 89 -16.01 11.61 22.27
C PHE A 89 -16.07 13.13 22.15
N ALA A 90 -16.41 13.62 20.96
CA ALA A 90 -16.39 15.03 20.69
C ALA A 90 -17.65 15.44 19.97
N THR A 91 -18.67 14.60 19.84
CA THR A 91 -19.84 14.94 19.05
C THR A 91 -21.14 14.63 19.78
N CYS A 92 -22.31 15.12 19.39
CA CYS A 92 -23.58 14.79 20.04
C CYS A 92 -24.74 14.49 19.09
N VAL A 93 -24.66 15.05 17.88
CA VAL A 93 -25.64 14.85 16.83
C VAL A 93 -24.81 14.78 15.54
N LEU A 94 -25.16 13.86 14.66
CA LEU A 94 -24.48 13.68 13.40
C LEU A 94 -25.58 13.60 12.34
N VAL A 95 -25.54 14.24 11.17
CA VAL A 95 -26.63 14.08 10.22
C VAL A 95 -25.94 13.52 9.00
N THR A 96 -26.47 12.43 8.47
CA THR A 96 -25.90 11.78 7.30
C THR A 96 -26.88 11.84 6.16
N GLU A 97 -26.30 11.91 4.97
CA GLU A 97 -27.01 11.77 3.72
C GLU A 97 -27.86 10.49 3.82
N GLU A 98 -27.20 9.38 4.13
CA GLU A 98 -27.82 8.08 4.29
C GLU A 98 -28.78 7.87 5.44
N ASP A 99 -28.88 8.79 6.41
CA ASP A 99 -29.76 8.53 7.53
C ASP A 99 -30.90 9.50 7.57
N LYS A 100 -32.06 8.86 7.61
CA LYS A 100 -33.34 9.50 7.64
C LYS A 100 -33.44 10.40 8.85
N ASN A 101 -32.86 10.04 9.99
CA ASN A 101 -32.95 10.89 11.16
C ASN A 101 -31.59 11.25 11.71
N ALA A 102 -31.41 12.35 12.43
CA ALA A 102 -30.12 12.68 13.05
C ALA A 102 -29.75 11.63 14.11
N ILE A 103 -28.50 11.16 14.11
CA ILE A 103 -27.98 10.17 15.05
C ILE A 103 -27.62 10.98 16.29
N ILE A 104 -28.10 10.53 17.45
CA ILE A 104 -27.82 11.19 18.71
C ILE A 104 -26.83 10.18 19.31
N VAL A 105 -25.72 10.75 19.73
CA VAL A 105 -24.62 10.01 20.29
C VAL A 105 -25.08 9.64 21.68
N GLU A 106 -24.69 8.42 22.04
CA GLU A 106 -24.92 7.85 23.35
C GLU A 106 -24.34 8.79 24.39
N PRO A 107 -24.91 8.87 25.58
CA PRO A 107 -24.41 9.76 26.64
C PRO A 107 -22.91 9.79 26.99
N GLU A 108 -22.24 8.65 27.16
CA GLU A 108 -20.84 8.66 27.57
C GLU A 108 -19.84 8.99 26.49
N LYS A 109 -20.26 9.07 25.23
CA LYS A 109 -19.38 9.51 24.16
C LYS A 109 -19.66 10.93 23.72
N ARG A 110 -20.56 11.65 24.40
CA ARG A 110 -20.91 13.01 24.01
C ARG A 110 -19.89 14.07 24.31
N GLY A 111 -19.68 14.79 23.20
CA GLY A 111 -18.86 15.98 23.08
C GLY A 111 -19.81 17.09 22.60
N LYS A 112 -19.31 18.27 22.25
CA LYS A 112 -20.24 19.35 21.91
C LYS A 112 -20.41 19.66 20.43
N TYR A 113 -19.90 18.86 19.50
CA TYR A 113 -19.94 19.19 18.10
C TYR A 113 -20.96 18.42 17.34
N VAL A 114 -21.51 19.13 16.34
CA VAL A 114 -22.55 18.61 15.46
C VAL A 114 -21.88 18.48 14.09
N VAL A 115 -21.95 17.28 13.49
CA VAL A 115 -21.26 17.07 12.24
C VAL A 115 -22.31 16.64 11.23
N CYS A 116 -22.33 17.31 10.09
CA CYS A 116 -23.26 16.98 9.02
C CYS A 116 -22.37 16.49 7.89
N PHE A 117 -22.61 15.29 7.37
CA PHE A 117 -21.71 14.77 6.37
C PHE A 117 -22.45 14.01 5.31
N ASP A 118 -21.80 14.09 4.16
CA ASP A 118 -22.22 13.31 3.04
C ASP A 118 -21.06 12.34 2.90
N PRO A 119 -21.26 11.08 3.24
CA PRO A 119 -20.22 10.09 3.24
C PRO A 119 -19.66 9.80 1.89
N LEU A 120 -20.45 9.66 0.83
CA LEU A 120 -19.84 9.35 -0.44
C LEU A 120 -20.65 10.09 -1.49
N ASP A 121 -20.35 11.37 -1.72
CA ASP A 121 -20.96 12.19 -2.78
C ASP A 121 -20.94 11.44 -4.10
N GLY A 122 -22.16 11.24 -4.59
CA GLY A 122 -22.36 10.64 -5.89
C GLY A 122 -21.91 9.21 -6.02
N SER A 123 -22.40 8.33 -5.14
CA SER A 123 -22.15 6.89 -5.20
C SER A 123 -22.50 6.26 -6.56
N SER A 124 -23.43 6.80 -7.37
CA SER A 124 -23.71 6.33 -8.73
C SER A 124 -22.49 6.44 -9.67
N ASN A 125 -21.46 7.21 -9.33
CA ASN A 125 -20.24 7.32 -10.13
C ASN A 125 -19.35 6.11 -9.95
N ILE A 126 -19.63 5.30 -8.92
CA ILE A 126 -18.78 4.18 -8.58
C ILE A 126 -18.65 3.16 -9.71
N ASP A 127 -19.74 2.73 -10.35
CA ASP A 127 -19.64 1.74 -11.42
C ASP A 127 -18.83 2.25 -12.59
N CYS A 128 -19.00 3.54 -12.85
CA CYS A 128 -18.31 4.19 -13.95
C CYS A 128 -16.91 4.65 -13.56
N LEU A 129 -16.49 4.52 -12.29
CA LEU A 129 -15.17 4.86 -11.71
C LEU A 129 -14.77 6.32 -11.67
N VAL A 130 -15.81 7.12 -11.59
CA VAL A 130 -15.67 8.56 -11.59
C VAL A 130 -15.34 9.01 -10.17
N SER A 131 -14.62 10.14 -10.09
CA SER A 131 -14.27 10.83 -8.89
C SER A 131 -15.43 10.86 -7.92
N ILE A 132 -15.16 10.54 -6.66
CA ILE A 132 -16.20 10.63 -5.64
C ILE A 132 -15.53 11.33 -4.47
N GLY A 133 -16.27 11.63 -3.41
CA GLY A 133 -15.69 12.32 -2.28
C GLY A 133 -16.60 12.25 -1.09
N THR A 134 -16.15 12.90 -0.01
CA THR A 134 -16.88 12.93 1.22
C THR A 134 -16.96 14.38 1.63
N ILE A 135 -18.09 14.92 2.08
CA ILE A 135 -18.23 16.34 2.38
C ILE A 135 -18.64 16.44 3.82
N PHE A 136 -18.04 17.34 4.59
CA PHE A 136 -18.45 17.50 5.98
C PHE A 136 -18.48 18.96 6.45
N GLY A 137 -19.33 19.28 7.43
CA GLY A 137 -19.41 20.59 8.05
C GLY A 137 -19.60 20.36 9.54
N ILE A 138 -18.96 21.18 10.37
CA ILE A 138 -18.97 21.01 11.81
C ILE A 138 -19.51 22.29 12.45
N TYR A 139 -20.55 22.17 13.28
CA TYR A 139 -21.16 23.27 14.01
C TYR A 139 -20.87 22.98 15.49
N ARG A 140 -20.98 24.00 16.33
CA ARG A 140 -20.87 23.82 17.77
C ARG A 140 -22.30 23.75 18.31
N LYS A 141 -22.67 22.76 19.14
CA LYS A 141 -24.00 22.70 19.75
C LYS A 141 -24.04 23.94 20.63
N ASN A 142 -25.08 24.69 20.37
CA ASN A 142 -25.26 25.99 20.97
C ASN A 142 -26.50 26.01 21.87
N SER A 143 -27.43 25.06 21.76
CA SER A 143 -28.58 25.02 22.64
C SER A 143 -28.19 24.27 23.90
N THR A 144 -29.01 24.39 24.92
CA THR A 144 -28.75 23.78 26.20
C THR A 144 -29.52 22.49 26.42
N ASP A 145 -30.49 22.20 25.56
CA ASP A 145 -31.34 21.02 25.70
C ASP A 145 -30.58 19.75 25.39
N GLU A 146 -31.14 18.62 25.81
CA GLU A 146 -30.59 17.31 25.49
C GLU A 146 -30.67 17.28 23.95
N PRO A 147 -29.59 16.87 23.26
CA PRO A 147 -29.41 17.08 21.84
C PRO A 147 -30.51 16.54 20.92
N SER A 148 -30.72 17.20 19.80
CA SER A 148 -31.75 16.77 18.89
C SER A 148 -31.33 17.22 17.53
N GLU A 149 -32.09 16.88 16.47
CA GLU A 149 -31.82 17.39 15.15
C GLU A 149 -31.76 18.92 15.09
N LYS A 150 -32.45 19.55 16.03
CA LYS A 150 -32.45 20.99 16.19
C LYS A 150 -31.05 21.60 16.25
N ASP A 151 -30.05 20.92 16.82
CA ASP A 151 -28.71 21.49 16.89
C ASP A 151 -28.05 21.55 15.52
N ALA A 152 -28.59 20.78 14.56
CA ALA A 152 -28.11 20.78 13.20
C ALA A 152 -28.75 21.85 12.33
N LEU A 153 -29.93 22.33 12.73
CA LEU A 153 -30.65 23.33 11.96
C LEU A 153 -30.12 24.72 12.27
N GLN A 154 -28.90 25.02 11.84
CA GLN A 154 -28.29 26.32 12.07
C GLN A 154 -27.83 26.81 10.68
N PRO A 155 -27.80 28.09 10.29
CA PRO A 155 -27.34 28.52 8.99
C PRO A 155 -25.86 28.29 8.83
N GLY A 156 -25.41 28.02 7.62
CA GLY A 156 -24.03 27.71 7.36
C GLY A 156 -23.06 28.79 7.82
N ARG A 157 -23.55 29.98 8.12
CA ARG A 157 -22.66 31.04 8.55
C ARG A 157 -22.07 30.69 9.91
N ASN A 158 -22.71 29.78 10.64
CA ASN A 158 -22.27 29.33 11.96
C ASN A 158 -21.27 28.18 12.02
N LEU A 159 -20.90 27.63 10.89
CA LEU A 159 -19.96 26.53 10.81
C LEU A 159 -18.61 26.91 11.40
N VAL A 160 -18.06 26.05 12.28
CA VAL A 160 -16.73 26.24 12.87
C VAL A 160 -15.67 25.85 11.85
N ALA A 161 -15.94 24.77 11.12
CA ALA A 161 -15.06 24.20 10.11
C ALA A 161 -15.88 23.44 9.08
N ALA A 162 -15.35 23.34 7.87
CA ALA A 162 -16.01 22.55 6.84
C ALA A 162 -14.98 22.15 5.81
N GLY A 163 -15.28 21.16 4.98
CA GLY A 163 -14.35 20.80 3.91
C GLY A 163 -14.79 19.55 3.21
N TYR A 164 -13.88 18.92 2.47
CA TYR A 164 -14.20 17.75 1.71
C TYR A 164 -12.94 16.95 1.39
N ALA A 165 -13.07 15.66 1.07
CA ALA A 165 -11.97 14.87 0.60
C ALA A 165 -12.39 14.43 -0.77
N LEU A 166 -11.49 14.48 -1.72
CA LEU A 166 -11.79 14.04 -3.04
C LEU A 166 -10.90 12.84 -3.29
N TYR A 167 -11.50 11.79 -3.77
CA TYR A 167 -10.80 10.57 -4.13
C TYR A 167 -10.79 10.63 -5.65
N GLY A 168 -9.84 11.36 -6.22
CA GLY A 168 -9.70 11.56 -7.64
C GLY A 168 -8.52 10.74 -8.14
N SER A 169 -7.67 11.33 -9.01
CA SER A 169 -6.48 10.67 -9.46
C SER A 169 -5.57 10.42 -8.23
N ALA A 170 -5.61 11.28 -7.21
CA ALA A 170 -4.92 11.11 -5.91
C ALA A 170 -5.96 11.48 -4.85
N THR A 171 -5.77 11.32 -3.54
CA THR A 171 -6.80 11.70 -2.59
C THR A 171 -6.37 13.02 -1.98
N MET A 172 -7.29 13.98 -1.86
CA MET A 172 -6.98 15.25 -1.27
C MET A 172 -8.06 15.66 -0.31
N LEU A 173 -7.66 16.18 0.82
CA LEU A 173 -8.61 16.74 1.76
C LEU A 173 -8.38 18.24 1.75
N VAL A 174 -9.49 18.95 1.76
CA VAL A 174 -9.50 20.38 1.71
C VAL A 174 -10.22 20.76 2.98
N LEU A 175 -9.64 21.66 3.76
CA LEU A 175 -10.20 22.01 5.05
C LEU A 175 -10.28 23.52 5.09
N ALA A 176 -11.42 24.03 5.51
CA ALA A 176 -11.68 25.46 5.61
C ALA A 176 -12.12 25.68 7.04
N MET A 177 -11.39 26.61 7.60
CA MET A 177 -11.63 26.99 8.95
C MET A 177 -11.62 28.49 9.01
N VAL A 178 -11.88 29.11 10.18
CA VAL A 178 -12.03 30.56 10.31
C VAL A 178 -11.02 31.42 9.55
N ASN A 179 -9.78 30.93 9.53
CA ASN A 179 -8.65 31.63 8.96
C ASN A 179 -8.22 31.25 7.55
N GLY A 180 -8.85 30.29 6.83
CA GLY A 180 -8.42 29.98 5.48
C GLY A 180 -8.84 28.61 5.00
N VAL A 181 -8.41 28.29 3.79
CA VAL A 181 -8.68 27.02 3.11
C VAL A 181 -7.27 26.43 2.89
N ASN A 182 -7.02 25.20 3.27
CA ASN A 182 -5.73 24.58 3.09
C ASN A 182 -5.96 23.22 2.47
N CYS A 183 -5.03 22.79 1.64
CA CYS A 183 -5.19 21.51 0.96
C CYS A 183 -4.06 20.54 1.30
N PHE A 184 -4.42 19.30 1.57
CA PHE A 184 -3.47 18.29 1.97
C PHE A 184 -3.57 17.14 1.00
N MET A 185 -2.45 16.74 0.42
CA MET A 185 -2.45 15.56 -0.45
C MET A 185 -2.26 14.27 0.39
N LEU A 186 -2.97 13.16 0.18
CA LEU A 186 -2.73 11.94 0.92
C LEU A 186 -1.50 11.24 0.35
N ASP A 187 -0.42 10.99 1.12
CA ASP A 187 0.67 10.11 0.69
C ASP A 187 0.23 8.73 1.17
N PRO A 188 -0.25 7.82 0.32
CA PRO A 188 -0.80 6.56 0.77
C PRO A 188 0.28 5.55 1.13
N ALA A 189 1.57 5.81 0.89
CA ALA A 189 2.62 4.90 1.30
C ALA A 189 2.83 4.99 2.83
N ILE A 190 2.60 6.18 3.43
CA ILE A 190 2.75 6.33 4.87
C ILE A 190 1.45 6.67 5.57
N GLY A 191 0.38 6.86 4.81
CA GLY A 191 -0.94 7.16 5.36
C GLY A 191 -0.91 8.49 6.11
N GLU A 192 -0.42 9.52 5.45
CA GLU A 192 -0.23 10.82 6.07
C GLU A 192 -0.67 11.84 5.05
N PHE A 193 -1.49 12.84 5.44
CA PHE A 193 -1.89 13.97 4.60
C PHE A 193 -0.83 15.07 4.70
N ILE A 194 -0.22 15.54 3.61
CA ILE A 194 0.85 16.51 3.61
C ILE A 194 0.32 17.82 3.03
N LEU A 195 0.70 18.95 3.64
CA LEU A 195 0.21 20.25 3.24
C LEU A 195 0.80 20.67 1.93
N VAL A 196 -0.03 20.80 0.91
CA VAL A 196 0.56 21.18 -0.34
C VAL A 196 0.22 22.56 -0.84
N ASP A 197 -0.83 23.19 -0.35
CA ASP A 197 -1.20 24.50 -0.86
C ASP A 197 -1.95 25.13 0.27
N ARG A 198 -1.44 26.27 0.66
CA ARG A 198 -1.91 26.87 1.87
C ARG A 198 -2.44 28.27 1.64
N ASN A 199 -3.56 28.53 2.33
CA ASN A 199 -4.35 29.74 2.20
C ASN A 199 -4.67 30.04 0.74
N VAL A 200 -5.49 29.13 0.26
CA VAL A 200 -5.95 29.12 -1.11
C VAL A 200 -6.97 30.22 -1.27
N LYS A 201 -6.82 30.90 -2.39
CA LYS A 201 -7.73 31.94 -2.78
C LYS A 201 -8.14 31.58 -4.21
N ILE A 202 -9.42 31.73 -4.54
CA ILE A 202 -9.85 31.38 -5.89
C ILE A 202 -9.60 32.55 -6.87
N LYS A 203 -9.36 32.21 -8.16
CA LYS A 203 -9.20 33.18 -9.25
C LYS A 203 -10.42 34.08 -9.33
N LYS A 204 -10.25 35.40 -9.51
CA LYS A 204 -11.36 36.35 -9.55
C LYS A 204 -12.37 36.04 -10.66
N LYS A 205 -11.90 35.62 -11.80
CA LYS A 205 -12.70 35.26 -12.96
C LYS A 205 -12.05 33.99 -13.51
N GLY A 206 -12.84 32.98 -13.78
CA GLY A 206 -12.30 31.78 -14.40
C GLY A 206 -12.73 31.71 -15.84
N SER A 207 -12.49 30.60 -16.51
CA SER A 207 -12.95 30.46 -17.86
C SER A 207 -13.60 29.14 -18.10
N ILE A 208 -14.32 28.60 -17.12
CA ILE A 208 -15.02 27.34 -17.30
C ILE A 208 -16.31 27.52 -16.54
N TYR A 209 -17.40 27.08 -17.14
CA TYR A 209 -18.70 27.08 -16.48
C TYR A 209 -19.07 25.59 -16.39
N SER A 210 -19.91 25.26 -15.40
CA SER A 210 -20.15 23.87 -15.12
C SER A 210 -21.60 23.68 -14.72
N ILE A 211 -22.41 22.99 -15.51
CA ILE A 211 -23.80 22.73 -15.21
C ILE A 211 -24.24 21.56 -16.08
N ASN A 212 -25.29 20.81 -15.74
CA ASN A 212 -25.84 19.77 -16.56
C ASN A 212 -26.80 20.38 -17.59
N GLU A 213 -26.32 20.73 -18.78
CA GLU A 213 -27.17 21.28 -19.79
C GLU A 213 -28.24 20.34 -20.34
N GLY A 214 -28.34 19.06 -20.00
CA GLY A 214 -29.43 18.23 -20.48
C GLY A 214 -30.74 18.76 -19.92
N TYR A 215 -30.69 19.55 -18.86
CA TYR A 215 -31.89 20.14 -18.30
C TYR A 215 -32.23 21.48 -18.97
N ALA A 216 -31.66 21.83 -20.12
CA ALA A 216 -31.99 23.06 -20.84
C ALA A 216 -33.48 23.30 -21.00
N LYS A 217 -34.42 22.38 -21.29
CA LYS A 217 -35.82 22.74 -21.38
C LYS A 217 -36.39 23.24 -20.06
N GLU A 218 -35.68 23.05 -18.95
CA GLU A 218 -36.12 23.43 -17.63
C GLU A 218 -35.52 24.66 -17.01
N PHE A 219 -34.51 25.27 -17.61
CA PHE A 219 -33.81 26.35 -16.98
C PHE A 219 -34.60 27.65 -16.91
N ASP A 220 -34.40 28.45 -15.87
CA ASP A 220 -35.03 29.76 -15.83
C ASP A 220 -34.24 30.69 -16.76
N PRO A 221 -34.81 31.82 -17.21
CA PRO A 221 -34.21 32.70 -18.20
C PRO A 221 -32.88 33.31 -17.84
N ALA A 222 -32.59 33.46 -16.54
CA ALA A 222 -31.31 34.03 -16.19
C ALA A 222 -30.22 32.98 -16.46
N ILE A 223 -30.43 31.69 -16.16
CA ILE A 223 -29.43 30.69 -16.46
C ILE A 223 -29.33 30.58 -17.98
N THR A 224 -30.46 30.49 -18.67
CA THR A 224 -30.44 30.38 -20.13
C THR A 224 -29.61 31.48 -20.79
N GLU A 225 -29.76 32.71 -20.34
CA GLU A 225 -29.03 33.83 -20.90
C GLU A 225 -27.56 33.71 -20.55
N TYR A 226 -27.30 33.31 -19.29
CA TYR A 226 -25.94 33.15 -18.80
C TYR A 226 -25.12 32.20 -19.65
N ILE A 227 -25.73 31.08 -20.01
CA ILE A 227 -24.98 30.12 -20.81
C ILE A 227 -24.74 30.60 -22.26
N GLN A 228 -25.73 31.30 -22.81
CA GLN A 228 -25.63 31.83 -24.15
C GLN A 228 -24.45 32.76 -24.30
N ARG A 229 -24.27 33.54 -23.26
CA ARG A 229 -23.22 34.53 -23.20
C ARG A 229 -21.83 33.95 -23.01
N LYS A 230 -21.80 32.78 -22.39
CA LYS A 230 -20.52 32.11 -22.21
C LYS A 230 -20.11 31.39 -23.50
N LYS A 231 -21.06 30.92 -24.32
CA LYS A 231 -20.72 30.29 -25.59
C LYS A 231 -20.53 31.36 -26.69
N PHE A 232 -21.36 32.41 -26.70
CA PHE A 232 -21.34 33.47 -27.70
C PHE A 232 -21.03 34.78 -26.98
N PRO A 233 -19.77 35.07 -26.66
CA PRO A 233 -19.37 36.20 -25.83
C PRO A 233 -19.69 37.47 -26.58
N PRO A 234 -20.57 38.34 -26.09
CA PRO A 234 -20.97 39.58 -26.74
C PRO A 234 -19.89 40.58 -27.03
N ASP A 235 -18.68 40.41 -26.51
CA ASP A 235 -17.56 41.29 -26.88
C ASP A 235 -16.61 40.56 -27.79
N ASN A 236 -17.06 39.39 -28.21
CA ASN A 236 -16.40 38.50 -29.14
C ASN A 236 -15.10 38.10 -28.55
N SER A 237 -15.05 38.05 -27.23
CA SER A 237 -13.92 37.46 -26.54
C SER A 237 -14.11 35.93 -26.71
N ALA A 238 -13.22 35.13 -26.16
CA ALA A 238 -13.30 33.68 -26.27
C ALA A 238 -14.42 33.10 -25.42
N PRO A 239 -15.10 32.07 -25.92
CA PRO A 239 -16.10 31.33 -25.18
C PRO A 239 -15.44 30.58 -24.01
N TYR A 240 -16.22 30.34 -22.97
CA TYR A 240 -15.78 29.55 -21.83
C TYR A 240 -15.77 28.08 -22.26
N GLY A 241 -15.00 27.30 -21.52
CA GLY A 241 -14.95 25.89 -21.79
C GLY A 241 -15.95 25.27 -20.85
N ALA A 242 -16.60 24.21 -21.29
CA ALA A 242 -17.51 23.52 -20.43
C ALA A 242 -16.87 22.27 -19.85
N ARG A 243 -17.26 21.93 -18.61
CA ARG A 243 -16.85 20.72 -17.89
C ARG A 243 -17.95 20.32 -16.91
N TYR A 244 -18.42 19.09 -16.88
CA TYR A 244 -19.38 18.65 -15.86
C TYR A 244 -19.05 17.17 -15.64
N VAL A 245 -18.57 16.85 -14.44
CA VAL A 245 -18.16 15.49 -14.13
C VAL A 245 -19.38 14.77 -13.61
N GLY A 246 -20.19 15.48 -12.84
CA GLY A 246 -21.35 14.84 -12.25
C GLY A 246 -21.10 14.48 -10.79
N SER A 247 -19.94 14.78 -10.20
CA SER A 247 -19.79 14.58 -8.78
C SER A 247 -19.48 15.99 -8.29
N MET A 248 -20.18 16.35 -7.24
CA MET A 248 -20.10 17.67 -6.75
C MET A 248 -18.69 17.99 -6.26
N VAL A 249 -18.03 17.04 -5.60
CA VAL A 249 -16.69 17.27 -5.07
C VAL A 249 -15.72 17.50 -6.21
N ALA A 250 -15.89 16.83 -7.37
CA ALA A 250 -14.90 17.02 -8.43
C ALA A 250 -15.08 18.36 -9.12
N ASP A 251 -16.34 18.71 -9.43
CA ASP A 251 -16.69 19.92 -10.12
C ASP A 251 -16.32 21.10 -9.24
N VAL A 252 -16.73 21.08 -7.98
CA VAL A 252 -16.35 22.13 -7.05
C VAL A 252 -14.85 22.18 -6.80
N HIS A 253 -14.11 21.07 -6.72
CA HIS A 253 -12.65 21.17 -6.50
C HIS A 253 -11.94 21.82 -7.68
N ARG A 254 -12.35 21.45 -8.89
CA ARG A 254 -11.83 22.01 -10.12
C ARG A 254 -12.07 23.50 -10.13
N THR A 255 -13.28 23.90 -9.71
CA THR A 255 -13.63 25.30 -9.63
C THR A 255 -12.72 26.03 -8.66
N LEU A 256 -12.45 25.52 -7.46
CA LEU A 256 -11.50 26.12 -6.55
C LEU A 256 -10.11 26.30 -7.15
N VAL A 257 -9.58 25.21 -7.74
CA VAL A 257 -8.23 25.16 -8.27
C VAL A 257 -7.97 26.00 -9.52
N TYR A 258 -8.89 25.84 -10.45
CA TYR A 258 -8.74 26.43 -11.74
C TYR A 258 -9.61 27.67 -11.94
N GLY A 259 -10.61 27.96 -11.10
CA GLY A 259 -11.48 29.12 -11.24
C GLY A 259 -12.63 28.83 -12.19
N GLY A 260 -13.73 29.59 -12.10
CA GLY A 260 -14.87 29.39 -12.96
C GLY A 260 -16.11 29.41 -12.13
N ILE A 261 -17.17 28.78 -12.59
CA ILE A 261 -18.41 28.81 -11.87
C ILE A 261 -18.99 27.41 -12.06
N PHE A 262 -19.69 27.01 -11.01
CA PHE A 262 -20.34 25.73 -10.93
C PHE A 262 -21.75 26.11 -10.61
N MET A 263 -22.71 25.49 -11.29
CA MET A 263 -24.10 25.79 -11.06
C MET A 263 -24.90 24.51 -10.97
N TYR A 264 -25.81 24.40 -10.03
CA TYR A 264 -26.84 23.38 -10.03
C TYR A 264 -28.03 24.18 -9.48
N PRO A 265 -28.80 24.85 -10.34
CA PRO A 265 -29.94 25.69 -9.93
C PRO A 265 -31.29 24.97 -9.89
N ALA A 266 -32.31 25.73 -9.55
CA ALA A 266 -33.66 25.20 -9.52
C ALA A 266 -34.09 25.09 -10.97
N ASN A 267 -34.87 24.07 -11.31
CA ASN A 267 -35.36 23.94 -12.67
C ASN A 267 -36.76 23.36 -12.68
N LYS A 268 -36.96 22.17 -12.08
CA LYS A 268 -38.23 21.50 -11.82
C LYS A 268 -38.03 20.44 -10.75
N LYS A 269 -36.81 20.12 -10.25
CA LYS A 269 -36.63 19.22 -9.10
C LYS A 269 -36.92 20.20 -7.98
N SER A 270 -38.24 20.45 -7.86
CA SER A 270 -38.83 21.53 -7.11
C SER A 270 -38.31 22.84 -7.70
N PRO A 271 -38.87 24.01 -7.41
CA PRO A 271 -38.07 25.22 -7.45
C PRO A 271 -36.99 25.25 -6.35
N LYS A 272 -36.38 24.12 -5.95
CA LYS A 272 -35.45 24.10 -4.84
C LYS A 272 -34.13 23.40 -5.17
N GLY A 273 -33.96 22.73 -6.30
CA GLY A 273 -32.68 22.15 -6.63
C GLY A 273 -32.55 20.74 -6.10
N LYS A 274 -31.51 20.03 -6.58
CA LYS A 274 -31.27 18.66 -6.21
C LYS A 274 -30.45 18.60 -4.91
N LEU A 275 -29.44 19.45 -4.73
CA LEU A 275 -28.48 19.34 -3.65
C LEU A 275 -29.02 19.71 -2.28
N ARG A 276 -28.41 19.26 -1.20
CA ARG A 276 -28.93 19.44 0.14
C ARG A 276 -28.09 20.48 0.83
N LEU A 277 -28.79 21.26 1.63
CA LEU A 277 -28.21 22.38 2.29
C LEU A 277 -27.18 22.07 3.35
N LEU A 278 -27.50 21.25 4.36
CA LEU A 278 -26.60 21.00 5.47
C LEU A 278 -25.31 20.30 5.10
N TYR A 279 -25.41 19.29 4.24
CA TYR A 279 -24.24 18.53 3.90
C TYR A 279 -23.65 18.52 2.51
N GLU A 280 -24.17 19.31 1.57
CA GLU A 280 -23.54 19.43 0.26
C GLU A 280 -23.38 20.93 0.02
N CYS A 281 -24.46 21.68 -0.04
CA CYS A 281 -24.41 23.12 -0.21
C CYS A 281 -23.64 23.95 0.84
N ASN A 282 -23.89 23.85 2.14
CA ASN A 282 -23.22 24.69 3.12
C ASN A 282 -21.74 24.44 3.23
N PRO A 283 -21.22 23.19 3.36
CA PRO A 283 -19.80 22.95 3.40
C PRO A 283 -19.13 23.50 2.17
N MET A 284 -19.65 23.29 0.96
CA MET A 284 -18.98 23.83 -0.22
C MET A 284 -19.05 25.35 -0.35
N ALA A 285 -20.18 25.96 0.04
CA ALA A 285 -20.30 27.43 0.04
C ALA A 285 -19.29 28.07 0.99
N TYR A 286 -19.14 27.49 2.18
CA TYR A 286 -18.15 27.93 3.17
C TYR A 286 -16.71 27.91 2.65
N VAL A 287 -16.37 26.83 1.96
CA VAL A 287 -15.06 26.70 1.36
C VAL A 287 -14.89 27.83 0.38
N MET A 288 -15.89 28.03 -0.48
CA MET A 288 -15.80 29.09 -1.48
C MET A 288 -15.66 30.44 -0.80
N GLU A 289 -16.42 30.79 0.24
CA GLU A 289 -16.27 32.10 0.83
C GLU A 289 -14.93 32.26 1.51
N LYS A 290 -14.37 31.23 2.18
CA LYS A 290 -13.05 31.41 2.77
C LYS A 290 -12.00 31.46 1.68
N ALA A 291 -12.29 30.89 0.53
CA ALA A 291 -11.38 30.92 -0.58
C ALA A 291 -11.50 32.26 -1.30
N GLY A 292 -12.51 33.09 -1.04
CA GLY A 292 -12.64 34.38 -1.70
C GLY A 292 -13.62 34.39 -2.87
N GLY A 293 -14.39 33.31 -3.06
CA GLY A 293 -15.37 33.20 -4.10
C GLY A 293 -16.74 33.48 -3.53
N LEU A 294 -17.82 33.12 -4.22
CA LEU A 294 -19.14 33.45 -3.72
C LEU A 294 -20.00 32.21 -3.82
N ALA A 295 -21.11 32.16 -3.08
CA ALA A 295 -22.06 31.07 -3.14
C ALA A 295 -23.44 31.61 -2.79
N THR A 296 -24.31 31.49 -3.78
CA THR A 296 -25.62 32.08 -3.79
C THR A 296 -26.55 31.05 -4.41
N THR A 297 -27.83 31.29 -4.14
CA THR A 297 -28.89 30.48 -4.66
C THR A 297 -29.55 31.11 -5.91
N GLY A 298 -29.16 32.35 -6.17
CA GLY A 298 -29.83 33.17 -7.14
C GLY A 298 -30.41 34.38 -6.41
N LYS A 299 -30.88 34.20 -5.17
CA LYS A 299 -31.48 35.28 -4.40
C LYS A 299 -30.55 35.64 -3.24
N GLU A 300 -30.48 34.78 -2.22
CA GLU A 300 -29.63 34.98 -1.07
C GLU A 300 -28.38 34.10 -1.21
N ALA A 301 -27.51 34.34 -0.23
CA ALA A 301 -26.27 33.62 -0.05
C ALA A 301 -26.67 32.32 0.63
N VAL A 302 -26.03 31.23 0.24
CA VAL A 302 -26.38 29.92 0.75
C VAL A 302 -26.20 29.87 2.27
N LEU A 303 -25.12 30.48 2.77
CA LEU A 303 -24.77 30.39 4.18
C LEU A 303 -25.70 31.12 5.13
N ASP A 304 -26.64 31.93 4.63
CA ASP A 304 -27.59 32.59 5.51
C ASP A 304 -28.95 31.91 5.55
N ILE A 305 -29.15 30.83 4.81
CA ILE A 305 -30.42 30.13 4.83
C ILE A 305 -30.59 29.42 6.18
N VAL A 306 -31.65 29.75 6.89
CA VAL A 306 -31.92 29.15 8.16
C VAL A 306 -32.61 27.85 7.79
N PRO A 307 -32.13 26.65 8.17
CA PRO A 307 -32.72 25.37 7.83
C PRO A 307 -33.97 25.07 8.62
N THR A 308 -34.86 24.30 8.00
CA THR A 308 -36.09 23.83 8.61
C THR A 308 -36.12 22.31 8.80
N ASP A 309 -35.57 21.55 7.87
CA ASP A 309 -35.52 20.11 7.94
C ASP A 309 -34.05 19.80 7.77
N ILE A 310 -33.55 18.70 8.31
CA ILE A 310 -32.15 18.34 8.12
C ILE A 310 -31.90 17.88 6.68
N HIS A 311 -32.90 17.55 5.90
CA HIS A 311 -32.66 17.06 4.57
C HIS A 311 -33.06 17.98 3.45
N GLN A 312 -33.13 19.24 3.83
CA GLN A 312 -33.55 20.33 2.98
C GLN A 312 -32.63 20.50 1.80
N ARG A 313 -33.18 20.73 0.61
CA ARG A 313 -32.41 20.97 -0.59
C ARG A 313 -32.30 22.47 -0.83
N ALA A 314 -31.33 22.82 -1.67
CA ALA A 314 -31.05 24.19 -2.07
C ALA A 314 -30.45 24.26 -3.48
N PRO A 315 -30.82 25.31 -4.24
CA PRO A 315 -30.18 25.72 -5.49
C PRO A 315 -28.82 26.22 -5.08
N ILE A 316 -27.81 26.08 -5.94
CA ILE A 316 -26.55 26.68 -5.61
C ILE A 316 -25.81 27.06 -6.86
N ILE A 317 -25.14 28.20 -6.80
CA ILE A 317 -24.26 28.72 -7.83
C ILE A 317 -23.04 29.17 -7.04
N LEU A 318 -21.83 28.78 -7.45
CA LEU A 318 -20.60 29.12 -6.73
C LEU A 318 -19.38 29.22 -7.61
N GLY A 319 -18.39 29.96 -7.15
CA GLY A 319 -17.15 30.07 -7.89
C GLY A 319 -16.48 31.43 -7.83
N SER A 320 -15.76 31.75 -8.90
CA SER A 320 -15.02 33.00 -9.01
C SER A 320 -15.95 34.20 -8.85
N PRO A 321 -15.55 35.22 -8.07
CA PRO A 321 -16.44 36.33 -7.71
C PRO A 321 -17.04 37.06 -8.91
N GLU A 322 -16.23 37.35 -9.93
CA GLU A 322 -16.68 38.08 -11.09
C GLU A 322 -17.71 37.32 -11.87
N ASP A 323 -17.56 35.99 -12.01
CA ASP A 323 -18.50 35.19 -12.79
C ASP A 323 -19.80 35.03 -12.05
N VAL A 324 -19.75 34.89 -10.74
CA VAL A 324 -20.98 34.77 -10.01
C VAL A 324 -21.72 36.11 -10.07
N THR A 325 -21.01 37.23 -9.96
CA THR A 325 -21.64 38.53 -9.97
C THR A 325 -22.33 38.77 -11.31
N GLU A 326 -21.68 38.40 -12.42
CA GLU A 326 -22.24 38.59 -13.74
C GLU A 326 -23.60 37.93 -13.87
N LEU A 327 -23.64 36.71 -13.36
CA LEU A 327 -24.86 35.97 -13.37
C LEU A 327 -25.80 36.62 -12.38
N LEU A 328 -25.42 37.11 -11.21
CA LEU A 328 -26.38 37.79 -10.35
C LEU A 328 -27.01 39.02 -10.98
N GLU A 329 -26.27 39.78 -11.78
CA GLU A 329 -26.80 40.89 -12.53
C GLU A 329 -27.85 40.43 -13.51
N ILE A 330 -27.70 39.25 -14.15
CA ILE A 330 -28.77 38.76 -15.02
C ILE A 330 -29.99 38.34 -14.18
N TYR A 331 -29.82 37.73 -13.00
CA TYR A 331 -30.97 37.41 -12.18
C TYR A 331 -31.70 38.69 -11.79
N GLN A 332 -30.94 39.77 -11.58
CA GLN A 332 -31.50 41.05 -11.23
C GLN A 332 -32.24 41.66 -12.42
N LYS A 333 -31.67 41.61 -13.62
CA LYS A 333 -32.32 42.04 -14.84
C LYS A 333 -33.63 41.29 -15.09
N HIS A 334 -34.02 40.23 -14.40
CA HIS A 334 -35.23 39.50 -14.75
C HIS A 334 -36.22 39.47 -13.61
N ALA A 335 -35.97 40.25 -12.56
CA ALA A 335 -36.93 40.30 -11.49
C ALA A 335 -37.84 41.51 -11.74
N ASN B 9 -14.23 -18.19 -9.61
CA ASN B 9 -12.86 -18.64 -9.49
C ASN B 9 -12.18 -17.36 -9.97
N ILE B 10 -11.15 -16.98 -9.23
CA ILE B 10 -10.40 -15.76 -9.48
C ILE B 10 -9.63 -15.90 -10.79
N VAL B 11 -9.73 -14.87 -11.62
CA VAL B 11 -8.94 -14.83 -12.83
C VAL B 11 -8.21 -13.51 -12.67
N THR B 12 -6.89 -13.57 -12.71
CA THR B 12 -6.05 -12.42 -12.61
C THR B 12 -5.74 -12.13 -14.06
N LEU B 13 -5.29 -10.91 -14.41
CA LEU B 13 -4.86 -10.62 -15.77
C LEU B 13 -3.68 -11.54 -16.14
N THR B 14 -2.70 -11.84 -15.27
CA THR B 14 -1.62 -12.76 -15.57
C THR B 14 -2.15 -14.11 -16.03
N ARG B 15 -3.09 -14.70 -15.30
CA ARG B 15 -3.65 -15.95 -15.69
C ARG B 15 -4.32 -15.79 -17.05
N PHE B 16 -5.24 -14.82 -17.16
CA PHE B 16 -5.96 -14.54 -18.40
C PHE B 16 -5.08 -14.41 -19.66
N VAL B 17 -4.07 -13.56 -19.64
CA VAL B 17 -3.22 -13.30 -20.78
C VAL B 17 -2.60 -14.59 -21.26
N MET B 18 -2.07 -15.35 -20.29
CA MET B 18 -1.37 -16.62 -20.49
C MET B 18 -2.25 -17.70 -21.06
N GLU B 19 -3.48 -17.83 -20.58
CA GLU B 19 -4.43 -18.79 -21.10
C GLU B 19 -4.76 -18.41 -22.55
N GLN B 20 -5.14 -17.16 -22.79
CA GLN B 20 -5.49 -16.73 -24.12
C GLN B 20 -4.38 -16.96 -25.10
N GLY B 21 -3.15 -16.81 -24.62
CA GLY B 21 -1.94 -17.04 -25.39
C GLY B 21 -1.81 -18.48 -25.79
N ARG B 22 -2.02 -19.39 -24.84
CA ARG B 22 -2.02 -20.82 -25.09
C ARG B 22 -3.07 -21.21 -26.15
N LYS B 23 -4.29 -20.66 -26.08
CA LYS B 23 -5.34 -20.96 -27.04
C LYS B 23 -5.08 -20.33 -28.40
N ALA B 24 -4.40 -19.18 -28.47
CA ALA B 24 -4.05 -18.57 -29.74
C ALA B 24 -2.73 -19.10 -30.27
N ARG B 25 -2.14 -20.01 -29.50
CA ARG B 25 -0.94 -20.74 -29.84
C ARG B 25 0.14 -19.77 -30.31
N GLY B 26 0.30 -18.73 -29.48
CA GLY B 26 1.31 -17.74 -29.73
C GLY B 26 2.64 -18.26 -29.22
N THR B 27 3.77 -17.73 -29.67
CA THR B 27 5.05 -18.17 -29.17
C THR B 27 5.38 -17.57 -27.82
N GLY B 28 4.41 -16.94 -27.17
CA GLY B 28 4.63 -16.20 -25.95
C GLY B 28 5.26 -14.82 -26.07
N GLU B 29 5.56 -14.26 -27.25
CA GLU B 29 6.09 -12.90 -27.38
C GLU B 29 5.03 -11.86 -26.96
N MET B 30 3.79 -12.05 -27.47
CA MET B 30 2.67 -11.23 -27.08
C MET B 30 2.31 -11.26 -25.60
N THR B 31 2.29 -12.44 -24.98
CA THR B 31 2.08 -12.59 -23.54
C THR B 31 3.13 -11.78 -22.77
N GLN B 32 4.40 -11.77 -23.21
CA GLN B 32 5.42 -11.00 -22.55
C GLN B 32 5.14 -9.54 -22.68
N LEU B 33 4.79 -9.04 -23.87
CA LEU B 33 4.42 -7.65 -24.06
C LEU B 33 3.25 -7.25 -23.14
N LEU B 34 2.22 -8.07 -23.18
CA LEU B 34 1.01 -7.82 -22.44
C LEU B 34 1.27 -7.83 -20.93
N ASN B 35 2.24 -8.63 -20.48
CA ASN B 35 2.65 -8.68 -19.08
C ASN B 35 3.40 -7.44 -18.72
N SER B 36 4.23 -6.93 -19.64
CA SER B 36 4.93 -5.68 -19.44
C SER B 36 3.95 -4.50 -19.41
N LEU B 37 2.88 -4.47 -20.22
CA LEU B 37 1.89 -3.41 -20.14
C LEU B 37 1.35 -3.38 -18.74
N CYS B 38 0.95 -4.55 -18.26
CA CYS B 38 0.41 -4.69 -16.93
C CYS B 38 1.35 -4.14 -15.84
N THR B 39 2.61 -4.53 -15.78
CA THR B 39 3.57 -3.96 -14.83
C THR B 39 3.72 -2.44 -15.01
N ALA B 40 3.59 -1.93 -16.25
CA ALA B 40 3.81 -0.53 -16.54
C ALA B 40 2.61 0.23 -15.98
N VAL B 41 1.41 -0.31 -16.15
CA VAL B 41 0.25 0.38 -15.65
C VAL B 41 0.28 0.43 -14.12
N LYS B 42 0.69 -0.62 -13.41
CA LYS B 42 0.79 -0.60 -11.96
C LYS B 42 1.79 0.44 -11.51
N ALA B 43 2.97 0.51 -12.13
CA ALA B 43 3.94 1.50 -11.71
C ALA B 43 3.39 2.89 -11.94
N ILE B 44 2.64 3.12 -13.01
CA ILE B 44 2.07 4.45 -13.27
C ILE B 44 0.95 4.73 -12.31
N SER B 45 0.02 3.82 -12.03
CA SER B 45 -1.03 4.03 -11.04
C SER B 45 -0.45 4.45 -9.67
N THR B 46 0.64 3.82 -9.19
CA THR B 46 1.23 4.14 -7.91
C THR B 46 1.73 5.57 -7.94
N ALA B 47 2.34 5.99 -9.03
CA ALA B 47 2.81 7.35 -9.17
C ALA B 47 1.65 8.35 -9.29
N VAL B 48 0.59 8.09 -10.05
CA VAL B 48 -0.54 9.02 -10.15
C VAL B 48 -1.14 9.28 -8.76
N ARG B 49 -1.27 8.21 -7.97
CA ARG B 49 -1.78 8.24 -6.61
C ARG B 49 -0.96 8.93 -5.56
N LYS B 50 0.21 9.47 -5.93
CA LYS B 50 1.12 10.23 -5.07
C LYS B 50 1.81 9.48 -3.91
N ALA B 51 2.00 8.17 -4.10
CA ALA B 51 2.74 7.35 -3.15
C ALA B 51 4.17 7.86 -3.20
N GLY B 52 4.56 8.49 -2.09
CA GLY B 52 5.89 9.04 -1.96
C GLY B 52 5.96 10.54 -2.12
N ILE B 53 4.86 11.32 -2.21
CA ILE B 53 5.01 12.77 -2.38
C ILE B 53 5.72 13.32 -1.18
N ALA B 54 5.49 12.77 0.02
CA ALA B 54 6.12 13.22 1.25
C ALA B 54 7.61 13.47 1.08
N HIS B 55 8.27 12.61 0.32
CA HIS B 55 9.69 12.78 0.04
C HIS B 55 10.01 14.03 -0.75
N LEU B 56 9.17 14.46 -1.68
CA LEU B 56 9.30 15.73 -2.41
C LEU B 56 9.14 16.94 -1.48
N TYR B 57 8.37 16.69 -0.43
CA TYR B 57 8.11 17.67 0.60
C TYR B 57 9.10 17.63 1.77
N GLY B 58 10.27 17.03 1.56
CA GLY B 58 11.37 17.06 2.52
C GLY B 58 11.28 16.22 3.79
N ILE B 59 10.47 15.15 3.82
CA ILE B 59 10.40 14.29 4.99
C ILE B 59 11.74 13.71 5.38
N ALA B 60 12.70 13.60 4.46
CA ALA B 60 13.99 13.02 4.77
C ALA B 60 15.02 14.06 4.38
N GLY B 61 14.65 15.33 4.33
CA GLY B 61 15.54 16.37 3.82
C GLY B 61 15.19 16.64 2.36
N SER B 62 15.82 17.52 1.77
N LYS B 72 8.01 15.14 -13.29
CA LYS B 72 6.79 15.53 -13.98
C LYS B 72 6.17 14.16 -14.20
N LEU B 73 4.90 13.99 -13.88
CA LEU B 73 4.27 12.69 -13.92
C LEU B 73 4.25 12.18 -15.36
N ASP B 74 3.88 13.02 -16.31
CA ASP B 74 3.83 12.76 -17.76
C ASP B 74 5.13 12.15 -18.31
N VAL B 75 6.26 12.86 -18.09
CA VAL B 75 7.61 12.45 -18.47
C VAL B 75 7.90 11.09 -17.85
N LEU B 76 7.76 10.98 -16.52
CA LEU B 76 8.05 9.74 -15.85
C LEU B 76 7.20 8.58 -16.36
N SER B 77 5.93 8.82 -16.68
CA SER B 77 5.10 7.75 -17.19
C SER B 77 5.54 7.36 -18.57
N ASN B 78 6.04 8.35 -19.31
CA ASN B 78 6.53 8.13 -20.66
C ASN B 78 7.72 7.17 -20.55
N ASP B 79 8.66 7.49 -19.67
CA ASP B 79 9.83 6.67 -19.41
C ASP B 79 9.54 5.31 -18.79
N LEU B 80 8.54 5.16 -17.95
CA LEU B 80 8.15 3.85 -17.47
C LEU B 80 7.60 3.01 -18.60
N VAL B 81 6.81 3.55 -19.56
CA VAL B 81 6.22 2.69 -20.58
C VAL B 81 7.31 2.25 -21.53
N ILE B 82 8.18 3.15 -21.98
CA ILE B 82 9.27 2.84 -22.89
C ILE B 82 10.25 1.83 -22.26
N ASN B 83 10.82 2.00 -21.06
CA ASN B 83 11.78 1.04 -20.53
C ASN B 83 11.21 -0.30 -20.30
N VAL B 84 10.02 -0.39 -19.75
CA VAL B 84 9.36 -1.66 -19.53
C VAL B 84 8.98 -2.29 -20.86
N LEU B 85 8.46 -1.60 -21.87
CA LEU B 85 8.18 -2.24 -23.15
C LEU B 85 9.43 -2.73 -23.84
N LYS B 86 10.52 -1.96 -23.78
CA LYS B 86 11.78 -2.38 -24.34
C LYS B 86 12.28 -3.66 -23.70
N SER B 87 12.19 -3.73 -22.37
CA SER B 87 12.63 -4.90 -21.63
C SER B 87 11.77 -6.15 -21.85
N SER B 88 10.77 -6.16 -22.75
CA SER B 88 9.98 -7.35 -22.98
C SER B 88 10.56 -8.10 -24.17
N PHE B 89 11.44 -7.44 -24.94
CA PHE B 89 12.00 -8.00 -26.16
C PHE B 89 10.86 -8.38 -27.12
N ALA B 90 9.78 -7.61 -27.14
CA ALA B 90 8.66 -7.92 -28.00
C ALA B 90 8.35 -6.72 -28.88
N THR B 91 9.07 -5.60 -28.79
CA THR B 91 8.70 -4.45 -29.58
C THR B 91 9.77 -4.06 -30.56
N CYS B 92 9.47 -3.43 -31.70
CA CYS B 92 10.54 -2.88 -32.54
C CYS B 92 10.39 -1.37 -32.76
N VAL B 93 9.17 -0.82 -32.68
CA VAL B 93 8.90 0.59 -32.92
C VAL B 93 7.88 0.95 -31.86
N LEU B 94 8.08 2.08 -31.23
CA LEU B 94 7.15 2.61 -30.24
C LEU B 94 6.73 4.01 -30.64
N VAL B 95 5.45 4.41 -30.70
CA VAL B 95 5.12 5.82 -30.95
C VAL B 95 4.50 6.43 -29.67
N THR B 96 5.10 7.49 -29.09
CA THR B 96 4.57 8.16 -27.91
C THR B 96 3.91 9.47 -28.25
N GLU B 97 2.88 9.87 -27.54
CA GLU B 97 2.34 11.23 -27.64
C GLU B 97 3.48 12.23 -27.43
N GLU B 98 4.24 11.99 -26.35
CA GLU B 98 5.37 12.81 -25.92
C GLU B 98 6.60 12.90 -26.82
N ASP B 99 6.93 11.89 -27.63
CA ASP B 99 8.13 11.95 -28.43
C ASP B 99 7.66 12.20 -29.86
N LYS B 100 8.26 13.26 -30.36
CA LYS B 100 8.02 13.77 -31.70
C LYS B 100 8.28 12.75 -32.82
N ASN B 101 9.05 11.70 -32.51
CA ASN B 101 9.41 10.66 -33.46
C ASN B 101 9.09 9.28 -32.90
N ALA B 102 9.12 8.27 -33.78
CA ALA B 102 8.93 6.91 -33.34
C ALA B 102 10.24 6.49 -32.66
N ILE B 103 10.14 5.74 -31.57
CA ILE B 103 11.28 5.20 -30.87
C ILE B 103 11.57 3.86 -31.54
N ILE B 104 12.78 3.70 -32.08
CA ILE B 104 13.18 2.49 -32.79
C ILE B 104 14.03 1.65 -31.82
N VAL B 105 13.49 0.50 -31.42
CA VAL B 105 14.13 -0.37 -30.45
C VAL B 105 15.43 -0.93 -31.04
N GLU B 106 16.40 -0.98 -30.19
CA GLU B 106 17.75 -1.38 -30.53
C GLU B 106 17.71 -2.87 -30.88
N PRO B 107 18.49 -3.36 -31.85
CA PRO B 107 18.30 -4.66 -32.49
C PRO B 107 18.21 -5.84 -31.55
N GLU B 108 18.98 -5.80 -30.48
CA GLU B 108 19.06 -6.88 -29.52
C GLU B 108 17.81 -7.00 -28.64
N LYS B 109 16.89 -6.04 -28.68
CA LYS B 109 15.67 -6.10 -27.91
C LYS B 109 14.43 -6.14 -28.82
N ARG B 110 14.65 -6.13 -30.15
CA ARG B 110 13.56 -6.10 -31.09
C ARG B 110 12.72 -7.37 -31.14
N GLY B 111 11.43 -7.12 -31.13
CA GLY B 111 10.43 -8.15 -31.27
C GLY B 111 9.59 -7.78 -32.48
N LYS B 112 8.40 -8.31 -32.63
CA LYS B 112 7.64 -8.03 -33.85
C LYS B 112 6.47 -7.06 -33.72
N TYR B 113 6.27 -6.45 -32.55
CA TYR B 113 5.16 -5.56 -32.36
C TYR B 113 5.53 -4.10 -32.30
N VAL B 114 4.57 -3.28 -32.77
CA VAL B 114 4.65 -1.83 -32.85
C VAL B 114 3.66 -1.39 -31.79
N VAL B 115 4.00 -0.51 -30.85
CA VAL B 115 3.06 -0.14 -29.81
C VAL B 115 2.90 1.36 -29.91
N CYS B 116 1.66 1.85 -29.98
CA CYS B 116 1.31 3.26 -30.10
C CYS B 116 0.65 3.59 -28.77
N PHE B 117 1.14 4.54 -27.99
CA PHE B 117 0.54 4.76 -26.69
C PHE B 117 0.51 6.22 -26.35
N ASP B 118 -0.43 6.51 -25.47
CA ASP B 118 -0.54 7.83 -24.90
C ASP B 118 -0.40 7.58 -23.39
N PRO B 119 0.71 8.01 -22.78
CA PRO B 119 1.14 7.68 -21.42
C PRO B 119 0.19 8.17 -20.36
N LEU B 120 -0.30 9.40 -20.48
CA LEU B 120 -1.13 9.93 -19.44
C LEU B 120 -2.04 10.91 -20.16
N ASP B 121 -3.13 10.39 -20.74
CA ASP B 121 -4.19 11.17 -21.36
C ASP B 121 -4.65 12.20 -20.37
N GLY B 122 -4.72 13.40 -20.90
CA GLY B 122 -5.21 14.51 -20.11
C GLY B 122 -4.26 14.93 -19.01
N SER B 123 -2.97 15.06 -19.33
CA SER B 123 -1.95 15.54 -18.40
C SER B 123 -2.38 16.80 -17.61
N SER B 124 -3.15 17.74 -18.19
CA SER B 124 -3.65 18.97 -17.53
C SER B 124 -4.67 18.75 -16.40
N ASN B 125 -5.10 17.50 -16.24
CA ASN B 125 -6.09 17.14 -15.26
C ASN B 125 -5.44 16.73 -13.94
N ILE B 126 -4.11 16.65 -13.87
CA ILE B 126 -3.41 16.29 -12.65
C ILE B 126 -3.59 17.34 -11.55
N ASP B 127 -3.61 18.66 -11.78
CA ASP B 127 -3.82 19.67 -10.72
C ASP B 127 -5.23 19.73 -10.14
N CYS B 128 -6.20 19.65 -11.03
CA CYS B 128 -7.60 19.68 -10.66
C CYS B 128 -8.03 18.33 -10.06
N LEU B 129 -7.15 17.33 -10.29
CA LEU B 129 -7.16 15.92 -9.85
C LEU B 129 -8.19 15.02 -10.48
N VAL B 130 -8.54 15.30 -11.73
CA VAL B 130 -9.56 14.46 -12.31
C VAL B 130 -8.82 13.29 -12.94
N SER B 131 -9.63 12.26 -13.13
CA SER B 131 -9.22 11.03 -13.75
C SER B 131 -8.40 11.29 -15.03
N ILE B 132 -7.31 10.54 -15.14
CA ILE B 132 -6.42 10.54 -16.28
C ILE B 132 -6.23 9.05 -16.64
N GLY B 133 -5.63 8.67 -17.77
CA GLY B 133 -5.53 7.26 -18.10
C GLY B 133 -4.37 7.05 -19.01
N THR B 134 -4.11 5.81 -19.41
CA THR B 134 -3.05 5.47 -20.35
C THR B 134 -3.74 4.77 -21.50
N ILE B 135 -3.48 5.11 -22.75
CA ILE B 135 -4.21 4.48 -23.85
C ILE B 135 -3.19 3.76 -24.69
N PHE B 136 -3.49 2.58 -25.22
CA PHE B 136 -2.49 1.89 -26.03
C PHE B 136 -3.12 1.12 -27.18
N GLY B 137 -2.32 0.91 -28.21
CA GLY B 137 -2.72 0.09 -29.33
C GLY B 137 -1.48 -0.67 -29.81
N ILE B 138 -1.67 -1.95 -30.18
CA ILE B 138 -0.58 -2.84 -30.62
C ILE B 138 -0.82 -3.34 -32.05
N TYR B 139 0.20 -3.27 -32.88
CA TYR B 139 0.17 -3.71 -34.26
C TYR B 139 1.32 -4.70 -34.42
N ARG B 140 1.28 -5.52 -35.44
CA ARG B 140 2.33 -6.46 -35.74
C ARG B 140 3.07 -5.80 -36.88
N LYS B 141 4.39 -5.68 -36.87
CA LYS B 141 5.15 -5.20 -38.01
C LYS B 141 5.07 -6.31 -39.05
N ASN B 142 4.71 -6.00 -40.27
CA ASN B 142 4.64 -7.03 -41.28
C ASN B 142 5.55 -6.77 -42.46
N SER B 143 6.27 -5.65 -42.53
CA SER B 143 7.23 -5.47 -43.61
C SER B 143 8.62 -5.95 -43.18
N THR B 144 9.46 -6.31 -44.13
CA THR B 144 10.82 -6.79 -43.92
C THR B 144 11.87 -5.66 -43.87
N ASP B 145 11.52 -4.43 -44.23
CA ASP B 145 12.41 -3.28 -44.16
C ASP B 145 12.78 -3.07 -42.72
N GLU B 146 13.97 -2.53 -42.49
CA GLU B 146 14.48 -2.19 -41.17
C GLU B 146 13.43 -1.26 -40.51
N PRO B 147 13.02 -1.48 -39.23
CA PRO B 147 11.94 -0.77 -38.57
C PRO B 147 12.09 0.73 -38.62
N SER B 148 10.96 1.37 -38.80
CA SER B 148 10.94 2.79 -39.03
C SER B 148 9.63 3.32 -38.54
N GLU B 149 9.48 4.64 -38.59
CA GLU B 149 8.22 5.29 -38.29
C GLU B 149 7.04 4.71 -39.12
N LYS B 150 7.34 4.34 -40.37
CA LYS B 150 6.42 3.72 -41.32
C LYS B 150 5.63 2.49 -40.87
N ASP B 151 6.18 1.71 -39.95
CA ASP B 151 5.49 0.50 -39.55
C ASP B 151 4.33 0.85 -38.61
N ALA B 152 4.27 2.08 -38.06
CA ALA B 152 3.19 2.53 -37.19
C ALA B 152 1.97 3.10 -37.95
N LEU B 153 2.17 3.44 -39.21
CA LEU B 153 1.16 4.05 -40.05
C LEU B 153 0.32 2.95 -40.63
N GLN B 154 -0.44 2.24 -39.80
CA GLN B 154 -1.32 1.18 -40.26
C GLN B 154 -2.73 1.52 -39.78
N PRO B 155 -3.82 1.28 -40.50
CA PRO B 155 -5.17 1.64 -40.08
C PRO B 155 -5.57 0.88 -38.85
N GLY B 156 -6.44 1.45 -38.02
CA GLY B 156 -6.82 0.82 -36.78
C GLY B 156 -7.41 -0.57 -36.90
N ARG B 157 -7.85 -0.89 -38.11
CA ARG B 157 -8.44 -2.17 -38.43
C ARG B 157 -7.40 -3.29 -38.26
N ASN B 158 -6.12 -2.93 -38.42
CA ASN B 158 -5.00 -3.86 -38.27
C ASN B 158 -4.56 -4.12 -36.83
N LEU B 159 -5.18 -3.54 -35.80
CA LEU B 159 -4.75 -3.74 -34.43
C LEU B 159 -4.88 -5.17 -33.93
N VAL B 160 -3.83 -5.63 -33.23
CA VAL B 160 -3.84 -6.93 -32.60
C VAL B 160 -4.52 -6.82 -31.25
N ALA B 161 -4.39 -5.69 -30.56
CA ALA B 161 -4.95 -5.54 -29.20
C ALA B 161 -4.93 -4.08 -28.90
N ALA B 162 -5.86 -3.59 -28.10
CA ALA B 162 -5.90 -2.18 -27.76
C ALA B 162 -6.60 -2.05 -26.44
N GLY B 163 -6.42 -0.92 -25.78
CA GLY B 163 -7.16 -0.72 -24.56
C GLY B 163 -6.64 0.48 -23.78
N TYR B 164 -7.11 0.56 -22.54
CA TYR B 164 -6.68 1.64 -21.65
C TYR B 164 -6.60 1.25 -20.17
N ALA B 165 -6.03 2.12 -19.38
CA ALA B 165 -5.98 1.95 -17.94
C ALA B 165 -6.58 3.25 -17.45
N LEU B 166 -7.64 3.19 -16.64
CA LEU B 166 -8.23 4.38 -16.05
C LEU B 166 -7.78 4.50 -14.59
N TYR B 167 -7.21 5.63 -14.17
CA TYR B 167 -6.80 5.84 -12.80
C TYR B 167 -7.87 6.74 -12.23
N GLY B 168 -9.03 6.20 -11.85
CA GLY B 168 -10.14 7.02 -11.41
C GLY B 168 -10.32 6.92 -9.92
N SER B 169 -11.55 6.69 -9.43
CA SER B 169 -11.70 6.48 -8.01
C SER B 169 -11.01 5.16 -7.71
N ALA B 170 -11.06 4.20 -8.66
CA ALA B 170 -10.29 2.95 -8.65
C ALA B 170 -9.49 2.84 -9.95
N THR B 171 -8.48 1.98 -10.08
CA THR B 171 -7.80 1.78 -11.35
C THR B 171 -8.34 0.57 -12.10
N MET B 172 -8.67 0.71 -13.38
CA MET B 172 -9.22 -0.40 -14.14
C MET B 172 -8.47 -0.51 -15.45
N LEU B 173 -8.15 -1.69 -15.93
CA LEU B 173 -7.47 -1.84 -17.21
C LEU B 173 -8.54 -2.49 -18.04
N VAL B 174 -8.79 -1.98 -19.25
CA VAL B 174 -9.74 -2.56 -20.19
C VAL B 174 -8.91 -3.02 -21.40
N LEU B 175 -8.99 -4.31 -21.73
CA LEU B 175 -8.27 -4.84 -22.86
C LEU B 175 -9.26 -5.39 -23.87
N ALA B 176 -8.97 -5.14 -25.14
CA ALA B 176 -9.76 -5.62 -26.24
C ALA B 176 -8.83 -6.22 -27.26
N MET B 177 -9.23 -7.43 -27.56
CA MET B 177 -8.58 -8.21 -28.57
C MET B 177 -9.71 -8.74 -29.47
N VAL B 178 -9.38 -9.52 -30.48
CA VAL B 178 -10.33 -10.01 -31.46
C VAL B 178 -11.50 -10.72 -30.85
N ASN B 179 -11.29 -11.36 -29.71
CA ASN B 179 -12.33 -12.10 -29.01
C ASN B 179 -13.20 -11.27 -28.07
N GLY B 180 -13.08 -9.95 -27.91
CA GLY B 180 -13.96 -9.25 -27.00
C GLY B 180 -13.21 -8.31 -26.09
N VAL B 181 -13.98 -7.60 -25.25
CA VAL B 181 -13.49 -6.59 -24.32
C VAL B 181 -13.61 -7.12 -22.89
N ASN B 182 -12.60 -6.98 -22.04
CA ASN B 182 -12.70 -7.46 -20.67
C ASN B 182 -12.08 -6.39 -19.81
N CYS B 183 -12.65 -6.25 -18.62
CA CYS B 183 -12.25 -5.22 -17.66
C CYS B 183 -11.64 -5.79 -16.39
N PHE B 184 -10.46 -5.31 -16.02
CA PHE B 184 -9.74 -5.80 -14.88
C PHE B 184 -9.61 -4.74 -13.82
N MET B 185 -10.08 -4.94 -12.61
CA MET B 185 -9.92 -3.95 -11.55
C MET B 185 -8.58 -4.18 -10.83
N LEU B 186 -7.83 -3.15 -10.47
CA LEU B 186 -6.60 -3.39 -9.77
C LEU B 186 -6.88 -3.62 -8.29
N ASP B 187 -6.43 -4.69 -7.66
CA ASP B 187 -6.45 -4.75 -6.20
C ASP B 187 -5.11 -4.15 -5.80
N PRO B 188 -4.97 -2.93 -5.29
CA PRO B 188 -3.66 -2.35 -4.97
C PRO B 188 -2.99 -3.04 -3.78
N ALA B 189 -3.77 -3.71 -2.92
CA ALA B 189 -3.24 -4.43 -1.77
C ALA B 189 -2.42 -5.64 -2.19
N ILE B 190 -2.66 -6.30 -3.36
CA ILE B 190 -1.80 -7.39 -3.81
C ILE B 190 -1.16 -7.09 -5.17
N GLY B 191 -1.50 -6.01 -5.88
CA GLY B 191 -0.82 -5.68 -7.13
C GLY B 191 -1.21 -6.64 -8.26
N GLU B 192 -2.48 -7.00 -8.31
CA GLU B 192 -2.95 -7.95 -9.27
C GLU B 192 -4.24 -7.31 -9.79
N PHE B 193 -4.53 -7.54 -11.08
CA PHE B 193 -5.72 -7.07 -11.77
C PHE B 193 -6.66 -8.25 -11.84
N ILE B 194 -7.88 -8.08 -11.33
CA ILE B 194 -8.89 -9.11 -11.29
C ILE B 194 -10.02 -8.88 -12.30
N LEU B 195 -10.35 -9.93 -13.04
CA LEU B 195 -11.38 -9.87 -14.03
C LEU B 195 -12.72 -9.66 -13.34
N VAL B 196 -13.32 -8.49 -13.55
CA VAL B 196 -14.63 -8.19 -12.99
C VAL B 196 -15.72 -8.23 -14.03
N ASP B 197 -15.42 -7.82 -15.26
CA ASP B 197 -16.42 -7.86 -16.32
C ASP B 197 -15.84 -8.53 -17.56
N ARG B 198 -16.58 -9.54 -17.96
CA ARG B 198 -16.10 -10.46 -18.96
C ARG B 198 -16.96 -10.23 -20.16
N ASN B 199 -16.33 -9.94 -21.29
CA ASN B 199 -16.98 -9.82 -22.60
C ASN B 199 -18.06 -8.75 -22.67
N VAL B 200 -17.61 -7.54 -22.44
CA VAL B 200 -18.46 -6.35 -22.34
C VAL B 200 -19.14 -5.89 -23.63
N LYS B 201 -20.44 -5.69 -23.64
CA LYS B 201 -21.15 -5.08 -24.76
C LYS B 201 -21.80 -3.77 -24.28
N ILE B 202 -21.70 -2.70 -25.08
CA ILE B 202 -22.24 -1.40 -24.71
C ILE B 202 -23.76 -1.37 -24.89
N LYS B 203 -24.49 -0.55 -24.15
CA LYS B 203 -25.94 -0.43 -24.36
C LYS B 203 -26.23 -0.01 -25.80
N LYS B 204 -27.36 -0.49 -26.27
CA LYS B 204 -27.82 -0.24 -27.62
C LYS B 204 -28.13 1.24 -27.80
N LYS B 205 -28.86 1.83 -26.85
CA LYS B 205 -29.20 3.25 -26.85
C LYS B 205 -28.89 3.77 -25.46
N GLY B 206 -28.11 4.82 -25.34
CA GLY B 206 -27.80 5.41 -24.07
C GLY B 206 -28.64 6.65 -23.79
N SER B 207 -28.39 7.31 -22.67
CA SER B 207 -29.15 8.48 -22.27
C SER B 207 -28.24 9.61 -21.79
N ILE B 208 -27.02 9.69 -22.29
CA ILE B 208 -26.05 10.67 -21.85
C ILE B 208 -25.23 10.93 -23.10
N TYR B 209 -25.00 12.24 -23.34
CA TYR B 209 -24.17 12.69 -24.41
C TYR B 209 -23.09 13.50 -23.69
N SER B 210 -21.95 13.46 -24.37
CA SER B 210 -20.70 14.05 -23.90
C SER B 210 -20.01 14.80 -25.05
N ILE B 211 -19.86 16.11 -24.89
CA ILE B 211 -19.22 16.99 -25.84
C ILE B 211 -18.93 18.25 -25.04
N ASN B 212 -17.87 18.97 -25.41
CA ASN B 212 -17.52 20.22 -24.77
C ASN B 212 -18.40 21.24 -25.45
N GLU B 213 -19.47 21.69 -24.83
CA GLU B 213 -20.33 22.70 -25.45
C GLU B 213 -19.85 24.14 -25.51
N GLY B 214 -18.68 24.48 -24.94
CA GLY B 214 -18.13 25.83 -25.00
C GLY B 214 -17.83 26.19 -26.45
N TYR B 215 -17.59 25.20 -27.30
CA TYR B 215 -17.32 25.46 -28.69
C TYR B 215 -18.61 25.50 -29.47
N ALA B 216 -19.80 25.68 -28.85
CA ALA B 216 -21.04 25.69 -29.61
C ALA B 216 -21.04 26.59 -30.86
N LYS B 217 -20.36 27.73 -30.76
CA LYS B 217 -20.16 28.72 -31.82
C LYS B 217 -19.57 28.12 -33.09
N GLU B 218 -18.77 27.08 -32.89
CA GLU B 218 -18.01 26.48 -33.97
C GLU B 218 -18.49 25.15 -34.49
N PHE B 219 -19.58 24.62 -33.92
CA PHE B 219 -20.07 23.37 -34.41
C PHE B 219 -20.65 23.50 -35.82
N ASP B 220 -20.57 22.38 -36.54
CA ASP B 220 -21.21 22.21 -37.82
C ASP B 220 -22.69 22.01 -37.51
N PRO B 221 -23.59 22.14 -38.47
CA PRO B 221 -25.01 22.09 -38.22
C PRO B 221 -25.54 20.74 -37.81
N ALA B 222 -24.85 19.62 -38.11
CA ALA B 222 -25.35 18.31 -37.75
C ALA B 222 -25.11 18.13 -36.26
N ILE B 223 -23.93 18.52 -35.73
CA ILE B 223 -23.69 18.49 -34.30
C ILE B 223 -24.70 19.41 -33.60
N THR B 224 -24.91 20.62 -34.15
CA THR B 224 -25.88 21.53 -33.58
C THR B 224 -27.27 20.92 -33.55
N GLU B 225 -27.72 20.22 -34.59
CA GLU B 225 -29.07 19.67 -34.61
C GLU B 225 -29.18 18.50 -33.66
N TYR B 226 -28.15 17.66 -33.58
CA TYR B 226 -28.18 16.53 -32.69
C TYR B 226 -28.29 17.02 -31.24
N ILE B 227 -27.55 18.07 -30.86
CA ILE B 227 -27.59 18.48 -29.46
C ILE B 227 -28.92 19.09 -29.08
N GLN B 228 -29.54 19.85 -29.98
CA GLN B 228 -30.88 20.40 -29.82
C GLN B 228 -31.90 19.30 -29.57
N ARG B 229 -31.82 18.26 -30.38
CA ARG B 229 -32.68 17.11 -30.31
C ARG B 229 -32.41 16.32 -29.04
N LYS B 230 -31.22 16.45 -28.42
CA LYS B 230 -31.02 15.82 -27.13
C LYS B 230 -31.61 16.63 -26.01
N LYS B 231 -31.53 17.96 -26.07
CA LYS B 231 -32.11 18.80 -25.02
C LYS B 231 -33.64 18.92 -25.08
N PHE B 232 -34.21 18.97 -26.29
CA PHE B 232 -35.64 19.09 -26.53
C PHE B 232 -36.03 17.94 -27.46
N PRO B 233 -36.34 16.75 -26.94
CA PRO B 233 -36.52 15.55 -27.74
C PRO B 233 -37.76 15.67 -28.62
N PRO B 234 -37.66 15.25 -29.88
CA PRO B 234 -38.68 15.41 -30.89
C PRO B 234 -39.96 14.66 -30.55
N ASP B 235 -39.82 13.36 -30.27
CA ASP B 235 -40.95 12.58 -29.79
C ASP B 235 -40.97 12.98 -28.32
N ASN B 236 -41.92 12.63 -27.49
CA ASN B 236 -41.92 13.36 -26.22
C ASN B 236 -41.12 12.77 -25.09
N SER B 237 -39.93 12.27 -25.38
CA SER B 237 -39.04 11.67 -24.40
C SER B 237 -38.44 12.69 -23.46
N ALA B 238 -37.95 12.16 -22.36
CA ALA B 238 -37.20 12.96 -21.41
C ALA B 238 -35.85 13.28 -22.05
N PRO B 239 -35.30 14.51 -21.96
CA PRO B 239 -33.93 14.85 -22.38
C PRO B 239 -32.81 13.92 -21.91
N TYR B 240 -31.70 13.91 -22.62
CA TYR B 240 -30.54 13.17 -22.21
C TYR B 240 -29.85 13.90 -21.06
N GLY B 241 -29.19 13.17 -20.17
CA GLY B 241 -28.35 13.78 -19.18
C GLY B 241 -27.09 14.22 -19.91
N ALA B 242 -26.40 15.21 -19.36
CA ALA B 242 -25.16 15.65 -19.97
C ALA B 242 -23.97 15.36 -19.09
N ARG B 243 -22.86 14.81 -19.61
CA ARG B 243 -21.65 14.67 -18.81
C ARG B 243 -20.45 14.92 -19.67
N TYR B 244 -19.35 15.55 -19.24
CA TYR B 244 -18.16 15.71 -20.01
C TYR B 244 -17.11 15.97 -18.95
N VAL B 245 -16.22 15.02 -18.75
CA VAL B 245 -15.25 15.12 -17.70
C VAL B 245 -14.05 15.89 -18.19
N GLY B 246 -13.72 15.73 -19.45
CA GLY B 246 -12.54 16.40 -19.94
C GLY B 246 -11.33 15.47 -19.99
N SER B 247 -11.53 14.16 -19.82
CA SER B 247 -10.47 13.16 -19.91
C SER B 247 -11.10 12.17 -20.88
N MET B 248 -10.37 11.89 -21.95
CA MET B 248 -10.90 11.01 -22.94
C MET B 248 -11.10 9.66 -22.28
N VAL B 249 -10.16 9.12 -21.49
CA VAL B 249 -10.34 7.79 -20.93
C VAL B 249 -11.52 7.81 -19.98
N ALA B 250 -11.71 8.82 -19.16
CA ALA B 250 -12.83 8.82 -18.25
C ALA B 250 -14.18 8.92 -18.97
N ASP B 251 -14.26 9.79 -19.98
CA ASP B 251 -15.49 9.93 -20.72
C ASP B 251 -15.80 8.72 -21.58
N VAL B 252 -14.86 8.19 -22.36
CA VAL B 252 -15.10 6.97 -23.11
C VAL B 252 -15.37 5.79 -22.15
N HIS B 253 -14.75 5.65 -20.97
CA HIS B 253 -15.08 4.55 -20.09
C HIS B 253 -16.50 4.68 -19.61
N ARG B 254 -16.96 5.87 -19.19
CA ARG B 254 -18.35 6.08 -18.78
C ARG B 254 -19.29 5.67 -19.92
N THR B 255 -18.98 6.06 -21.15
CA THR B 255 -19.74 5.63 -22.32
C THR B 255 -19.80 4.13 -22.47
N LEU B 256 -18.67 3.41 -22.35
CA LEU B 256 -18.64 1.95 -22.47
C LEU B 256 -19.57 1.28 -21.48
N VAL B 257 -19.43 1.62 -20.20
CA VAL B 257 -20.18 0.93 -19.15
C VAL B 257 -21.62 1.42 -19.03
N TYR B 258 -21.87 2.71 -19.14
CA TYR B 258 -23.20 3.20 -18.97
C TYR B 258 -23.95 3.35 -20.29
N GLY B 259 -23.34 3.45 -21.46
CA GLY B 259 -24.04 3.70 -22.72
C GLY B 259 -24.09 5.20 -23.01
N GLY B 260 -24.39 5.58 -24.26
CA GLY B 260 -24.52 6.98 -24.62
C GLY B 260 -23.60 7.34 -25.77
N ILE B 261 -23.20 8.60 -25.92
CA ILE B 261 -22.37 8.99 -27.04
C ILE B 261 -21.31 9.97 -26.57
N PHE B 262 -20.10 9.85 -27.12
CA PHE B 262 -19.03 10.76 -26.80
C PHE B 262 -18.67 11.37 -28.14
N MET B 263 -18.50 12.70 -28.17
CA MET B 263 -18.20 13.42 -29.38
C MET B 263 -17.05 14.38 -29.17
N TYR B 264 -16.12 14.42 -30.11
CA TYR B 264 -15.12 15.45 -30.17
C TYR B 264 -14.98 15.63 -31.67
N PRO B 265 -15.90 16.40 -32.29
CA PRO B 265 -15.95 16.62 -33.72
C PRO B 265 -14.89 17.65 -34.09
N ALA B 266 -14.87 18.09 -35.34
CA ALA B 266 -13.96 19.17 -35.72
C ALA B 266 -14.65 20.54 -35.57
N ASN B 267 -13.99 21.71 -35.75
CA ASN B 267 -14.62 23.04 -35.69
C ASN B 267 -13.80 24.16 -36.35
N LYS B 268 -13.80 25.49 -36.06
CA LYS B 268 -12.93 26.48 -36.77
C LYS B 268 -11.51 26.21 -36.33
N LYS B 269 -11.32 26.17 -35.01
CA LYS B 269 -10.06 25.69 -34.48
C LYS B 269 -10.22 24.18 -34.70
N SER B 270 -9.11 23.51 -34.99
CA SER B 270 -9.11 22.08 -35.21
C SER B 270 -10.09 21.60 -36.31
N PRO B 271 -9.86 21.96 -37.57
CA PRO B 271 -10.60 21.40 -38.70
C PRO B 271 -10.44 19.89 -38.88
N LYS B 272 -9.43 19.31 -38.21
CA LYS B 272 -9.17 17.87 -38.22
C LYS B 272 -9.46 17.22 -36.88
N GLY B 273 -10.02 17.95 -35.92
CA GLY B 273 -10.29 17.40 -34.61
C GLY B 273 -9.08 17.61 -33.72
N LYS B 274 -9.24 17.43 -32.40
CA LYS B 274 -8.10 17.55 -31.53
C LYS B 274 -7.40 16.21 -31.32
N LEU B 275 -8.21 15.18 -31.09
CA LEU B 275 -7.69 13.91 -30.65
C LEU B 275 -6.79 13.25 -31.69
N ARG B 276 -5.72 12.57 -31.30
CA ARG B 276 -4.79 12.03 -32.30
C ARG B 276 -5.15 10.62 -32.66
N LEU B 277 -5.03 10.28 -33.95
CA LEU B 277 -5.46 9.00 -34.47
C LEU B 277 -4.76 7.77 -33.94
N LEU B 278 -3.42 7.66 -33.94
CA LEU B 278 -2.74 6.41 -33.59
C LEU B 278 -2.87 5.94 -32.15
N TYR B 279 -2.87 6.93 -31.27
CA TYR B 279 -2.85 6.62 -29.87
C TYR B 279 -3.96 7.08 -28.98
N GLU B 280 -5.02 7.73 -29.49
CA GLU B 280 -6.18 8.02 -28.67
C GLU B 280 -7.38 7.51 -29.45
N CYS B 281 -7.54 7.92 -30.70
CA CYS B 281 -8.73 7.51 -31.45
C CYS B 281 -8.85 6.05 -31.79
N ASN B 282 -7.81 5.45 -32.38
CA ASN B 282 -7.94 4.05 -32.82
C ASN B 282 -8.13 3.08 -31.68
N PRO B 283 -7.36 3.05 -30.58
CA PRO B 283 -7.58 2.17 -29.44
C PRO B 283 -9.01 2.18 -28.90
N MET B 284 -9.57 3.41 -28.80
CA MET B 284 -10.90 3.58 -28.22
C MET B 284 -11.96 3.11 -29.18
N ALA B 285 -11.67 3.34 -30.47
CA ALA B 285 -12.51 2.89 -31.55
C ALA B 285 -12.48 1.37 -31.63
N TYR B 286 -11.33 0.69 -31.50
CA TYR B 286 -11.30 -0.77 -31.45
C TYR B 286 -12.03 -1.26 -30.20
N VAL B 287 -11.88 -0.64 -29.04
CA VAL B 287 -12.63 -1.06 -27.86
C VAL B 287 -14.13 -0.95 -28.16
N MET B 288 -14.62 0.20 -28.63
CA MET B 288 -16.03 0.37 -28.97
C MET B 288 -16.57 -0.60 -30.00
N GLU B 289 -15.95 -0.83 -31.16
CA GLU B 289 -16.47 -1.80 -32.12
C GLU B 289 -16.48 -3.20 -31.53
N LYS B 290 -15.44 -3.61 -30.80
CA LYS B 290 -15.43 -4.92 -30.15
C LYS B 290 -16.49 -5.06 -29.06
N ALA B 291 -16.85 -3.93 -28.46
CA ALA B 291 -17.89 -3.97 -27.48
C ALA B 291 -19.25 -3.78 -28.13
N GLY B 292 -19.37 -3.64 -29.45
CA GLY B 292 -20.66 -3.55 -30.12
C GLY B 292 -21.15 -2.12 -30.38
N GLY B 293 -20.27 -1.12 -30.40
CA GLY B 293 -20.66 0.27 -30.53
C GLY B 293 -20.09 0.76 -31.83
N LEU B 294 -20.25 2.03 -32.19
CA LEU B 294 -19.71 2.53 -33.46
C LEU B 294 -18.71 3.61 -33.12
N ALA B 295 -17.82 3.90 -34.07
CA ALA B 295 -16.81 4.92 -33.99
C ALA B 295 -16.67 5.53 -35.39
N THR B 296 -16.84 6.85 -35.54
CA THR B 296 -16.86 7.51 -36.83
C THR B 296 -16.40 8.95 -36.72
N THR B 297 -15.89 9.43 -37.82
CA THR B 297 -15.46 10.81 -38.11
C THR B 297 -16.64 11.76 -38.37
N GLY B 298 -17.74 11.10 -38.73
CA GLY B 298 -18.94 11.71 -39.24
C GLY B 298 -18.99 11.23 -40.69
N LYS B 299 -17.84 11.08 -41.35
CA LYS B 299 -17.77 10.52 -42.70
C LYS B 299 -17.31 9.04 -42.66
N GLU B 300 -16.03 8.66 -42.43
CA GLU B 300 -15.63 7.25 -42.42
C GLU B 300 -15.61 6.72 -41.00
N ALA B 301 -15.47 5.40 -40.96
CA ALA B 301 -15.28 4.67 -39.73
C ALA B 301 -13.82 4.99 -39.44
N VAL B 302 -13.54 5.33 -38.18
CA VAL B 302 -12.22 5.75 -37.74
C VAL B 302 -11.14 4.73 -38.08
N LEU B 303 -11.48 3.47 -37.83
CA LEU B 303 -10.55 2.36 -38.01
C LEU B 303 -9.98 2.10 -39.42
N ASP B 304 -10.65 2.59 -40.46
CA ASP B 304 -10.22 2.41 -41.83
C ASP B 304 -9.36 3.58 -42.32
N ILE B 305 -9.17 4.64 -41.53
CA ILE B 305 -8.39 5.80 -41.97
C ILE B 305 -6.94 5.39 -41.95
N VAL B 306 -6.35 5.36 -43.14
CA VAL B 306 -4.93 5.05 -43.30
C VAL B 306 -4.15 6.29 -42.92
N PRO B 307 -3.26 6.20 -41.94
CA PRO B 307 -2.47 7.32 -41.45
C PRO B 307 -1.33 7.70 -42.40
N THR B 308 -1.03 8.99 -42.36
CA THR B 308 -0.02 9.69 -43.14
C THR B 308 0.98 10.27 -42.15
N ASP B 309 0.62 10.48 -40.90
CA ASP B 309 1.57 10.98 -39.93
C ASP B 309 1.28 10.33 -38.60
N ILE B 310 2.32 10.13 -37.79
CA ILE B 310 2.19 9.48 -36.49
C ILE B 310 1.46 10.34 -35.48
N HIS B 311 1.50 11.66 -35.62
CA HIS B 311 0.78 12.53 -34.71
C HIS B 311 -0.51 13.13 -35.30
N GLN B 312 -0.96 12.59 -36.44
CA GLN B 312 -2.16 12.98 -37.15
C GLN B 312 -3.40 12.98 -36.27
N ARG B 313 -4.32 13.95 -36.42
CA ARG B 313 -5.54 14.07 -35.63
C ARG B 313 -6.71 13.53 -36.40
N ALA B 314 -7.83 13.28 -35.73
CA ALA B 314 -9.03 12.81 -36.38
C ALA B 314 -10.24 13.30 -35.57
N PRO B 315 -11.41 13.46 -36.20
CA PRO B 315 -12.66 13.75 -35.52
C PRO B 315 -13.21 12.46 -34.97
N ILE B 316 -13.78 12.39 -33.76
CA ILE B 316 -14.29 11.11 -33.34
C ILE B 316 -15.61 11.30 -32.67
N ILE B 317 -16.48 10.33 -32.93
CA ILE B 317 -17.79 10.21 -32.32
C ILE B 317 -17.95 8.72 -32.11
N LEU B 318 -18.27 8.35 -30.89
CA LEU B 318 -18.37 6.97 -30.51
C LEU B 318 -19.43 6.70 -29.46
N GLY B 319 -19.82 5.45 -29.32
CA GLY B 319 -20.78 5.09 -28.30
C GLY B 319 -21.78 4.06 -28.77
N SER B 320 -22.95 4.06 -28.16
CA SER B 320 -24.00 3.12 -28.48
C SER B 320 -24.41 3.23 -29.94
N PRO B 321 -24.57 2.11 -30.68
CA PRO B 321 -24.88 2.08 -32.11
C PRO B 321 -26.11 2.90 -32.51
N GLU B 322 -27.21 2.87 -31.74
CA GLU B 322 -28.38 3.66 -32.03
C GLU B 322 -28.12 5.13 -31.81
N ASP B 323 -27.22 5.56 -30.93
CA ASP B 323 -26.96 6.99 -30.79
C ASP B 323 -26.09 7.48 -31.91
N VAL B 324 -24.96 6.83 -32.12
CA VAL B 324 -24.05 7.17 -33.21
C VAL B 324 -24.77 7.19 -34.55
N THR B 325 -25.63 6.21 -34.84
CA THR B 325 -26.39 6.21 -36.08
C THR B 325 -27.29 7.45 -36.22
N GLU B 326 -28.12 7.82 -35.23
CA GLU B 326 -28.98 8.99 -35.27
C GLU B 326 -28.18 10.23 -35.64
N LEU B 327 -26.91 10.34 -35.21
CA LEU B 327 -26.03 11.42 -35.65
C LEU B 327 -25.53 11.25 -37.09
N LEU B 328 -25.24 10.02 -37.54
CA LEU B 328 -24.76 9.83 -38.89
C LEU B 328 -25.87 10.16 -39.88
N GLU B 329 -27.11 9.78 -39.55
CA GLU B 329 -28.28 10.12 -40.33
C GLU B 329 -28.38 11.64 -40.40
N ILE B 330 -28.37 12.43 -39.30
CA ILE B 330 -28.41 13.88 -39.35
C ILE B 330 -27.29 14.43 -40.21
N TYR B 331 -26.10 13.87 -40.15
CA TYR B 331 -24.98 14.31 -40.95
C TYR B 331 -25.31 14.13 -42.43
N GLN B 332 -25.84 12.95 -42.82
CA GLN B 332 -26.21 12.62 -44.21
C GLN B 332 -27.32 13.52 -44.76
N LYS B 333 -28.29 13.89 -43.92
CA LYS B 333 -29.35 14.83 -44.27
C LYS B 333 -28.83 16.28 -44.26
N HIS B 334 -27.54 16.54 -44.51
CA HIS B 334 -26.96 17.86 -44.53
C HIS B 334 -25.87 17.87 -45.58
N ALA B 335 -25.99 16.95 -46.54
CA ALA B 335 -25.03 16.73 -47.61
C ALA B 335 -25.73 16.61 -48.96
N ASN C 9 -14.92 0.70 20.71
CA ASN C 9 -14.27 1.93 20.33
C ASN C 9 -12.89 1.44 19.96
N ILE C 10 -12.39 1.98 18.85
CA ILE C 10 -11.05 1.72 18.33
C ILE C 10 -10.19 2.86 18.87
N VAL C 11 -8.98 2.54 19.27
CA VAL C 11 -8.08 3.59 19.72
C VAL C 11 -6.90 3.49 18.77
N THR C 12 -6.49 4.65 18.29
CA THR C 12 -5.39 4.77 17.38
C THR C 12 -4.30 5.46 18.16
N LEU C 13 -3.05 5.38 17.70
CA LEU C 13 -1.93 6.02 18.38
C LEU C 13 -2.26 7.48 18.59
N THR C 14 -2.66 8.16 17.52
CA THR C 14 -3.04 9.57 17.55
C THR C 14 -4.12 9.93 18.58
N ARG C 15 -5.16 9.14 18.69
CA ARG C 15 -6.17 9.34 19.71
C ARG C 15 -5.55 9.18 21.11
N PHE C 16 -4.87 8.06 21.39
CA PHE C 16 -4.28 7.76 22.69
C PHE C 16 -3.30 8.84 23.10
N VAL C 17 -2.28 9.14 22.30
CA VAL C 17 -1.35 10.19 22.66
C VAL C 17 -2.07 11.51 22.94
N MET C 18 -3.21 11.85 22.31
CA MET C 18 -3.88 13.11 22.60
C MET C 18 -4.56 13.06 23.95
N GLU C 19 -5.29 11.96 24.14
CA GLU C 19 -6.03 11.79 25.37
C GLU C 19 -5.09 11.89 26.57
N GLN C 20 -3.95 11.21 26.48
CA GLN C 20 -2.91 11.23 27.48
C GLN C 20 -2.34 12.61 27.72
N GLY C 21 -2.10 13.39 26.67
CA GLY C 21 -1.66 14.77 26.83
C GLY C 21 -2.70 15.64 27.53
N ARG C 22 -3.99 15.42 27.25
CA ARG C 22 -5.04 16.19 27.88
C ARG C 22 -5.00 15.90 29.36
N LYS C 23 -5.06 14.64 29.74
CA LYS C 23 -5.00 14.27 31.13
C LYS C 23 -3.77 14.81 31.86
N ALA C 24 -2.61 14.84 31.24
CA ALA C 24 -1.45 15.39 31.90
C ALA C 24 -1.31 16.93 31.89
N ARG C 25 -2.31 17.66 31.38
CA ARG C 25 -2.25 19.12 31.23
C ARG C 25 -0.95 19.64 30.62
N GLY C 26 -0.49 18.91 29.61
CA GLY C 26 0.71 19.31 28.93
C GLY C 26 0.29 20.37 27.91
N THR C 27 1.18 21.31 27.57
CA THR C 27 0.89 22.32 26.56
C THR C 27 0.91 21.76 25.11
N GLY C 28 0.76 20.44 24.84
CA GLY C 28 0.82 19.93 23.49
C GLY C 28 2.19 19.69 22.86
N GLU C 29 3.25 20.41 23.20
CA GLU C 29 4.61 20.16 22.69
C GLU C 29 5.01 18.69 22.71
N MET C 30 4.63 17.94 23.75
CA MET C 30 5.04 16.56 23.79
C MET C 30 4.22 15.70 22.87
N THR C 31 2.95 16.03 22.73
CA THR C 31 2.08 15.31 21.84
C THR C 31 2.55 15.54 20.43
N GLN C 32 3.01 16.74 20.12
CA GLN C 32 3.59 17.02 18.84
C GLN C 32 4.77 16.10 18.65
N LEU C 33 5.63 15.99 19.66
CA LEU C 33 6.80 15.13 19.55
C LEU C 33 6.42 13.67 19.31
N LEU C 34 5.45 13.13 20.02
CA LEU C 34 5.07 11.76 19.78
C LEU C 34 4.42 11.58 18.43
N ASN C 35 3.57 12.52 18.00
CA ASN C 35 2.97 12.55 16.68
C ASN C 35 4.05 12.46 15.64
N SER C 36 5.07 13.32 15.75
CA SER C 36 6.18 13.30 14.83
C SER C 36 6.91 11.98 14.78
N LEU C 37 7.11 11.41 15.95
CA LEU C 37 7.76 10.13 16.10
C LEU C 37 6.96 9.09 15.34
N CYS C 38 5.63 9.14 15.46
CA CYS C 38 4.77 8.21 14.78
C CYS C 38 5.01 8.36 13.27
N THR C 39 4.98 9.58 12.74
CA THR C 39 5.18 9.75 11.31
C THR C 39 6.55 9.24 10.85
N ALA C 40 7.59 9.30 11.68
CA ALA C 40 8.90 8.85 11.28
C ALA C 40 8.91 7.32 11.23
N VAL C 41 8.34 6.64 12.20
CA VAL C 41 8.37 5.20 12.19
C VAL C 41 7.62 4.65 10.97
N LYS C 42 6.47 5.22 10.60
CA LYS C 42 5.77 4.79 9.40
C LYS C 42 6.62 4.99 8.16
N ALA C 43 7.35 6.08 8.09
CA ALA C 43 8.24 6.32 6.97
C ALA C 43 9.40 5.30 6.93
N ILE C 44 9.96 4.90 8.08
CA ILE C 44 11.06 3.94 8.13
C ILE C 44 10.50 2.59 7.72
N SER C 45 9.41 2.18 8.34
CA SER C 45 8.73 0.95 8.04
C SER C 45 8.52 0.79 6.53
N THR C 46 8.00 1.77 5.79
CA THR C 46 7.79 1.62 4.36
C THR C 46 9.08 1.41 3.55
N ALA C 47 10.15 2.07 3.98
CA ALA C 47 11.42 2.02 3.31
C ALA C 47 12.10 0.69 3.56
N VAL C 48 11.94 0.20 4.81
CA VAL C 48 12.45 -1.09 5.27
C VAL C 48 11.74 -2.20 4.48
N ARG C 49 10.40 -2.12 4.26
CA ARG C 49 9.64 -3.12 3.51
C ARG C 49 9.92 -3.06 2.02
N LYS C 50 10.73 -2.10 1.64
CA LYS C 50 11.26 -1.94 0.29
C LYS C 50 10.30 -1.50 -0.80
N ALA C 51 9.36 -0.63 -0.42
CA ALA C 51 8.43 -0.01 -1.34
C ALA C 51 9.28 0.82 -2.30
N GLY C 52 9.14 0.69 -3.62
CA GLY C 52 9.89 1.51 -4.56
C GLY C 52 11.26 0.96 -4.97
N ILE C 53 11.72 -0.23 -4.51
CA ILE C 53 13.01 -0.72 -5.00
C ILE C 53 13.01 -0.87 -6.50
N ALA C 54 11.92 -1.21 -7.19
CA ALA C 54 11.90 -1.34 -8.64
C ALA C 54 12.61 -0.20 -9.37
N HIS C 55 12.54 1.02 -8.83
CA HIS C 55 13.20 2.19 -9.39
C HIS C 55 14.70 2.08 -9.30
N LEU C 56 15.16 1.49 -8.22
CA LEU C 56 16.56 1.22 -8.00
C LEU C 56 17.01 0.26 -9.09
N TYR C 57 16.15 -0.69 -9.49
CA TYR C 57 16.49 -1.66 -10.54
C TYR C 57 16.07 -1.26 -11.96
N GLY C 58 16.04 0.06 -12.21
CA GLY C 58 15.83 0.68 -13.50
C GLY C 58 14.52 0.45 -14.22
N ILE C 59 13.41 0.51 -13.50
CA ILE C 59 12.13 0.33 -14.15
C ILE C 59 11.79 1.52 -15.04
N ALA C 60 12.34 2.69 -14.80
CA ALA C 60 11.98 3.83 -15.61
C ALA C 60 13.21 4.66 -15.83
N GLY C 61 14.26 4.05 -16.32
CA GLY C 61 15.49 4.77 -16.58
C GLY C 61 16.66 3.85 -16.32
N SER C 62 17.77 4.35 -16.19
N LYS C 72 22.69 3.81 2.10
CA LYS C 72 22.20 2.69 2.88
C LYS C 72 20.86 3.17 3.44
N LEU C 73 20.02 2.23 3.87
CA LEU C 73 18.73 2.53 4.44
C LEU C 73 18.93 3.30 5.74
N ASP C 74 19.85 2.91 6.60
CA ASP C 74 20.16 3.58 7.86
C ASP C 74 20.52 5.04 7.77
N VAL C 75 21.17 5.48 6.70
CA VAL C 75 21.45 6.88 6.45
C VAL C 75 20.08 7.46 6.21
N LEU C 76 19.30 6.91 5.27
CA LEU C 76 17.93 7.36 5.07
C LEU C 76 17.11 7.38 6.37
N SER C 77 17.22 6.37 7.24
CA SER C 77 16.46 6.30 8.47
C SER C 77 16.87 7.38 9.45
N ASN C 78 18.15 7.66 9.47
CA ASN C 78 18.72 8.62 10.38
C ASN C 78 18.18 9.99 10.04
N ASP C 79 18.27 10.28 8.72
CA ASP C 79 17.74 11.49 8.12
C ASP C 79 16.27 11.66 8.35
N LEU C 80 15.45 10.64 8.09
CA LEU C 80 14.02 10.74 8.38
C LEU C 80 13.77 11.15 9.83
N VAL C 81 14.38 10.45 10.80
CA VAL C 81 14.12 10.69 12.20
C VAL C 81 14.58 12.08 12.58
N ILE C 82 15.74 12.52 12.14
CA ILE C 82 16.25 13.84 12.48
C ILE C 82 15.32 14.97 11.99
N ASN C 83 14.86 14.91 10.75
CA ASN C 83 14.05 15.94 10.13
C ASN C 83 12.63 16.05 10.57
N VAL C 84 12.01 14.90 10.81
CA VAL C 84 10.66 14.88 11.31
C VAL C 84 10.69 15.44 12.74
N LEU C 85 11.70 15.05 13.53
CA LEU C 85 11.84 15.51 14.90
C LEU C 85 12.20 16.97 15.02
N LYS C 86 13.13 17.49 14.22
CA LYS C 86 13.31 18.93 14.17
C LYS C 86 11.98 19.63 13.86
N SER C 87 11.18 19.12 12.92
CA SER C 87 9.86 19.67 12.58
C SER C 87 8.78 19.64 13.65
N SER C 88 8.92 18.94 14.77
CA SER C 88 7.90 19.03 15.80
C SER C 88 7.94 20.36 16.57
N PHE C 89 9.10 21.03 16.50
CA PHE C 89 9.41 22.23 17.27
C PHE C 89 9.33 21.85 18.76
N ALA C 90 9.84 20.66 19.08
CA ALA C 90 9.73 20.14 20.42
C ALA C 90 11.06 19.63 20.92
N THR C 91 12.16 19.70 20.16
CA THR C 91 13.42 19.11 20.60
C THR C 91 14.58 20.10 20.56
N CYS C 92 15.65 19.87 21.31
CA CYS C 92 16.83 20.73 21.26
C CYS C 92 18.13 19.94 21.15
N VAL C 93 18.16 18.67 21.62
CA VAL C 93 19.34 17.83 21.46
C VAL C 93 18.82 16.47 20.96
N LEU C 94 19.47 15.95 19.92
CA LEU C 94 19.18 14.63 19.37
C LEU C 94 20.51 13.90 19.46
N VAL C 95 20.51 12.68 19.96
CA VAL C 95 21.72 11.87 20.03
C VAL C 95 21.34 10.67 19.18
N THR C 96 22.22 10.49 18.23
CA THR C 96 22.06 9.47 17.22
C THR C 96 23.14 8.44 17.37
N GLU C 97 22.82 7.19 17.10
CA GLU C 97 23.81 6.14 16.95
C GLU C 97 24.82 6.59 15.92
N GLU C 98 24.30 6.82 14.70
CA GLU C 98 25.12 7.15 13.55
C GLU C 98 25.84 8.48 13.59
N ASP C 99 25.66 9.33 14.60
CA ASP C 99 26.34 10.61 14.60
C ASP C 99 27.23 10.64 15.80
N LYS C 100 28.46 10.99 15.47
CA LYS C 100 29.52 11.06 16.46
C LYS C 100 29.18 12.05 17.55
N ASN C 101 28.75 13.26 17.20
CA ASN C 101 28.40 14.25 18.18
C ASN C 101 26.90 14.46 18.24
N ALA C 102 26.42 15.03 19.34
CA ALA C 102 25.02 15.36 19.49
C ALA C 102 24.67 16.51 18.57
N ILE C 103 23.46 16.44 18.04
CA ILE C 103 22.91 17.39 17.12
C ILE C 103 22.17 18.39 17.96
N ILE C 104 22.55 19.67 17.87
CA ILE C 104 21.89 20.75 18.61
C ILE C 104 20.90 21.43 17.67
N VAL C 105 19.59 21.39 17.93
CA VAL C 105 18.60 21.92 16.98
C VAL C 105 18.70 23.42 16.79
N GLU C 106 18.40 23.84 15.56
CA GLU C 106 18.37 25.23 15.14
C GLU C 106 17.50 25.99 16.14
N PRO C 107 17.94 27.19 16.59
CA PRO C 107 17.19 28.03 17.49
C PRO C 107 15.76 28.24 17.05
N GLU C 108 15.47 28.41 15.75
CA GLU C 108 14.09 28.57 15.32
C GLU C 108 13.20 27.34 15.57
N LYS C 109 13.74 26.12 15.65
CA LYS C 109 12.90 24.92 15.82
C LYS C 109 13.05 24.30 17.21
N ARG C 110 13.54 25.08 18.17
CA ARG C 110 13.84 24.56 19.50
C ARG C 110 12.68 24.44 20.42
N GLY C 111 12.64 23.28 21.05
CA GLY C 111 11.69 22.93 22.08
C GLY C 111 12.49 22.35 23.25
N LYS C 112 11.87 21.95 24.34
CA LYS C 112 12.61 21.52 25.51
C LYS C 112 12.94 20.02 25.64
N TYR C 113 12.77 19.19 24.62
CA TYR C 113 13.04 17.78 24.80
C TYR C 113 14.31 17.31 24.12
N VAL C 114 14.92 16.30 24.71
CA VAL C 114 16.19 15.73 24.26
C VAL C 114 15.85 14.32 23.79
N VAL C 115 16.25 13.91 22.59
CA VAL C 115 15.87 12.61 22.02
C VAL C 115 17.13 11.80 21.72
N CYS C 116 17.16 10.58 22.20
CA CYS C 116 18.25 9.66 21.93
C CYS C 116 17.60 8.53 21.17
N PHE C 117 18.17 8.12 20.05
CA PHE C 117 17.55 7.11 19.21
C PHE C 117 18.60 6.35 18.43
N ASP C 118 18.12 5.17 18.08
CA ASP C 118 18.93 4.29 17.28
C ASP C 118 18.03 4.03 16.08
N PRO C 119 18.35 4.58 14.89
CA PRO C 119 17.44 4.67 13.75
C PRO C 119 17.05 3.29 13.24
N LEU C 120 18.03 2.38 13.22
CA LEU C 120 17.80 1.05 12.71
C LEU C 120 18.72 0.12 13.51
N ASP C 121 18.17 -0.43 14.59
CA ASP C 121 18.79 -1.47 15.39
C ASP C 121 19.24 -2.58 14.44
N GLY C 122 20.56 -2.70 14.35
CA GLY C 122 21.16 -3.72 13.52
C GLY C 122 20.90 -3.58 12.02
N SER C 123 21.36 -2.51 11.38
CA SER C 123 21.26 -2.32 9.93
C SER C 123 21.75 -3.56 9.16
N SER C 124 22.77 -4.28 9.62
CA SER C 124 23.28 -5.52 8.99
C SER C 124 22.29 -6.71 8.89
N ASN C 125 21.08 -6.57 9.44
CA ASN C 125 20.09 -7.62 9.39
C ASN C 125 19.12 -7.48 8.22
N ILE C 126 19.31 -6.44 7.43
CA ILE C 126 18.50 -6.18 6.26
C ILE C 126 18.73 -7.27 5.20
N ASP C 127 19.96 -7.61 4.80
CA ASP C 127 20.26 -8.61 3.75
C ASP C 127 19.67 -9.99 4.03
N CYS C 128 19.88 -10.35 5.29
CA CYS C 128 19.38 -11.61 5.82
C CYS C 128 17.87 -11.56 6.02
N LEU C 129 17.26 -10.37 5.88
CA LEU C 129 15.85 -10.07 6.09
C LEU C 129 15.33 -10.34 7.49
N VAL C 130 16.28 -10.21 8.39
CA VAL C 130 16.07 -10.37 9.80
C VAL C 130 15.42 -9.06 10.21
N SER C 131 14.45 -9.19 11.11
CA SER C 131 13.79 -8.10 11.78
C SER C 131 14.74 -6.98 12.14
N ILE C 132 14.34 -5.73 12.05
CA ILE C 132 15.18 -4.62 12.47
C ILE C 132 14.26 -3.72 13.27
N GLY C 133 14.74 -2.63 13.84
CA GLY C 133 13.85 -1.80 14.62
C GLY C 133 14.43 -0.43 14.87
N THR C 134 13.65 0.46 15.46
CA THR C 134 14.12 1.80 15.80
C THR C 134 13.97 1.86 17.30
N ILE C 135 14.88 2.46 18.06
CA ILE C 135 14.77 2.51 19.53
C ILE C 135 14.81 3.98 19.91
N PHE C 136 14.03 4.44 20.88
CA PHE C 136 14.14 5.86 21.24
C PHE C 136 13.91 6.11 22.72
N GLY C 137 14.50 7.20 23.19
CA GLY C 137 14.35 7.62 24.57
C GLY C 137 14.18 9.13 24.56
N ILE C 138 13.23 9.63 25.34
CA ILE C 138 12.96 11.05 25.43
C ILE C 138 13.28 11.55 26.86
N TYR C 139 14.09 12.59 26.98
CA TYR C 139 14.35 13.26 28.26
C TYR C 139 13.87 14.69 28.12
N ARG C 140 13.55 15.34 29.22
CA ARG C 140 13.16 16.72 29.22
C ARG C 140 14.44 17.43 29.61
N LYS C 141 14.81 18.54 29.00
CA LYS C 141 16.03 19.23 29.38
C LYS C 141 15.77 19.87 30.72
N ASN C 142 16.65 19.55 31.65
CA ASN C 142 16.51 20.09 33.00
C ASN C 142 17.48 21.23 33.23
N SER C 143 18.24 21.70 32.24
CA SER C 143 19.15 22.77 32.51
C SER C 143 18.60 24.03 31.87
N THR C 144 19.06 25.13 32.46
CA THR C 144 18.75 26.49 32.03
C THR C 144 19.64 26.86 30.85
N ASP C 145 20.83 26.28 30.93
CA ASP C 145 21.96 26.50 30.05
C ASP C 145 21.56 26.14 28.63
N GLU C 146 22.26 26.64 27.62
CA GLU C 146 21.98 26.33 26.21
C GLU C 146 21.93 24.80 25.99
N PRO C 147 21.14 24.26 25.07
CA PRO C 147 21.24 22.87 24.67
C PRO C 147 22.66 22.42 24.31
N SER C 148 23.05 21.32 24.94
CA SER C 148 24.40 20.80 24.78
C SER C 148 24.39 19.29 24.97
N GLU C 149 25.49 18.59 24.67
CA GLU C 149 25.65 17.16 24.91
C GLU C 149 25.29 16.79 26.35
N LYS C 150 25.59 17.68 27.32
CA LYS C 150 25.33 17.45 28.72
C LYS C 150 23.86 17.17 29.08
N ASP C 151 22.94 17.70 28.26
CA ASP C 151 21.50 17.53 28.48
C ASP C 151 21.08 16.08 28.21
N ALA C 152 21.84 15.41 27.35
CA ALA C 152 21.67 13.99 27.06
C ALA C 152 22.20 13.09 28.18
N LEU C 153 23.26 13.50 28.86
CA LEU C 153 23.89 12.70 29.89
C LEU C 153 23.11 12.70 31.20
N GLN C 154 21.91 12.12 31.16
CA GLN C 154 21.00 12.04 32.29
C GLN C 154 20.75 10.55 32.46
N PRO C 155 20.75 10.02 33.67
CA PRO C 155 20.29 8.68 33.96
C PRO C 155 18.95 8.40 33.32
N GLY C 156 18.80 7.19 32.82
CA GLY C 156 17.57 6.69 32.25
C GLY C 156 16.42 6.73 33.24
N ARG C 157 16.69 7.00 34.51
CA ARG C 157 15.63 7.15 35.49
C ARG C 157 14.92 8.47 35.21
N ASN C 158 15.53 9.36 34.43
CA ASN C 158 14.95 10.64 34.04
C ASN C 158 14.13 10.62 32.73
N LEU C 159 13.89 9.46 32.10
CA LEU C 159 13.12 9.36 30.86
C LEU C 159 11.65 9.69 31.06
N VAL C 160 11.13 10.54 30.19
CA VAL C 160 9.72 10.90 30.24
C VAL C 160 8.98 9.86 29.41
N ALA C 161 9.55 9.40 28.29
CA ALA C 161 8.93 8.39 27.44
C ALA C 161 10.04 7.60 26.74
N ALA C 162 9.78 6.35 26.45
CA ALA C 162 10.71 5.54 25.71
C ALA C 162 9.89 4.46 25.05
N GLY C 163 10.47 3.86 24.02
CA GLY C 163 9.79 2.78 23.31
C GLY C 163 10.59 2.36 22.11
N TYR C 164 9.96 1.61 21.22
CA TYR C 164 10.67 1.06 20.07
C TYR C 164 9.64 0.64 19.02
N ALA C 165 10.10 0.47 17.79
CA ALA C 165 9.24 -0.02 16.72
C ALA C 165 9.98 -1.20 16.09
N LEU C 166 9.27 -2.31 15.95
CA LEU C 166 9.81 -3.51 15.37
C LEU C 166 9.23 -3.67 13.98
N TYR C 167 10.07 -3.81 12.97
CA TYR C 167 9.58 -4.02 11.63
C TYR C 167 9.80 -5.51 11.42
N GLY C 168 8.83 -6.34 11.80
CA GLY C 168 9.03 -7.78 11.72
C GLY C 168 8.11 -8.43 10.74
N SER C 169 7.36 -9.46 11.13
CA SER C 169 6.37 -10.00 10.21
C SER C 169 5.31 -8.89 10.01
N ALA C 170 4.98 -8.12 11.09
CA ALA C 170 4.18 -6.89 11.02
C ALA C 170 4.96 -5.81 11.74
N THR C 171 4.54 -4.55 11.63
CA THR C 171 5.18 -3.45 12.34
C THR C 171 4.46 -3.05 13.64
N MET C 172 5.13 -3.04 14.80
CA MET C 172 4.52 -2.70 16.07
C MET C 172 5.42 -1.72 16.79
N LEU C 173 4.79 -0.80 17.52
CA LEU C 173 5.51 0.21 18.28
C LEU C 173 5.01 0.04 19.71
N VAL C 174 5.97 -0.06 20.61
CA VAL C 174 5.64 -0.22 22.01
C VAL C 174 6.08 1.09 22.59
N LEU C 175 5.16 1.68 23.36
CA LEU C 175 5.44 2.98 23.99
C LEU C 175 5.20 2.80 25.46
N ALA C 176 6.28 3.17 26.14
CA ALA C 176 6.38 3.07 27.57
C ALA C 176 6.51 4.48 28.05
N MET C 177 5.56 4.75 28.91
CA MET C 177 5.51 6.02 29.55
C MET C 177 5.25 5.77 31.00
N VAL C 178 5.35 6.88 31.71
CA VAL C 178 5.11 6.99 33.14
C VAL C 178 4.07 6.02 33.70
N ASN C 179 2.93 5.99 33.04
CA ASN C 179 1.78 5.17 33.38
C ASN C 179 1.77 3.75 32.82
N GLY C 180 2.63 3.31 31.91
CA GLY C 180 2.49 1.95 31.43
C GLY C 180 3.07 1.70 30.05
N VAL C 181 2.77 0.51 29.56
CA VAL C 181 3.36 -0.01 28.33
C VAL C 181 2.17 -0.39 27.47
N ASN C 182 2.03 0.19 26.28
CA ASN C 182 0.97 -0.21 25.35
C ASN C 182 1.58 -0.47 23.98
N CYS C 183 1.07 -1.50 23.32
CA CYS C 183 1.58 -1.95 22.03
C CYS C 183 0.59 -1.57 20.93
N PHE C 184 1.07 -0.89 19.91
CA PHE C 184 0.22 -0.42 18.83
C PHE C 184 0.69 -1.08 17.54
N MET C 185 -0.19 -1.72 16.78
CA MET C 185 0.21 -2.37 15.54
C MET C 185 -0.12 -1.47 14.37
N LEU C 186 0.73 -1.35 13.36
CA LEU C 186 0.42 -0.52 12.21
C LEU C 186 -0.51 -1.26 11.27
N ASP C 187 -1.64 -0.62 10.93
CA ASP C 187 -2.46 -1.11 9.82
C ASP C 187 -1.86 -0.38 8.63
N PRO C 188 -1.12 -1.00 7.72
CA PRO C 188 -0.44 -0.27 6.65
C PRO C 188 -1.39 0.18 5.54
N ALA C 189 -2.66 -0.20 5.61
CA ALA C 189 -3.61 0.18 4.58
C ALA C 189 -4.14 1.59 4.76
N ILE C 190 -4.28 2.02 6.00
CA ILE C 190 -4.78 3.36 6.28
C ILE C 190 -3.68 4.13 6.97
N GLY C 191 -2.54 3.48 7.24
CA GLY C 191 -1.39 4.12 7.86
C GLY C 191 -1.68 4.64 9.26
N GLU C 192 -2.23 3.77 10.10
CA GLU C 192 -2.63 4.12 11.43
C GLU C 192 -2.15 3.02 12.39
N PHE C 193 -1.59 3.37 13.56
CA PHE C 193 -1.25 2.38 14.56
C PHE C 193 -2.48 2.16 15.42
N ILE C 194 -3.01 0.96 15.55
CA ILE C 194 -4.19 0.62 16.32
C ILE C 194 -3.70 0.07 17.67
N LEU C 195 -4.36 0.39 18.79
CA LEU C 195 -3.96 -0.13 20.09
C LEU C 195 -4.36 -1.56 20.16
N VAL C 196 -3.39 -2.46 20.27
CA VAL C 196 -3.71 -3.88 20.40
C VAL C 196 -3.44 -4.39 21.80
N ASP C 197 -2.50 -3.84 22.56
CA ASP C 197 -2.20 -4.34 23.89
C ASP C 197 -2.05 -3.24 24.91
N ARG C 198 -2.86 -3.35 25.95
CA ARG C 198 -3.04 -2.26 26.87
C ARG C 198 -2.44 -2.58 28.23
N ASN C 199 -1.43 -1.80 28.65
CA ASN C 199 -0.75 -1.86 29.95
C ASN C 199 -0.22 -3.26 30.19
N VAL C 200 0.70 -3.60 29.29
CA VAL C 200 1.33 -4.91 29.26
C VAL C 200 2.16 -5.10 30.54
N LYS C 201 2.15 -6.33 31.08
CA LYS C 201 2.95 -6.72 32.23
C LYS C 201 3.64 -8.01 31.81
N ILE C 202 4.95 -8.10 31.97
CA ILE C 202 5.69 -9.29 31.55
C ILE C 202 5.47 -10.46 32.53
N LYS C 203 5.53 -11.73 32.13
CA LYS C 203 5.43 -12.92 33.01
C LYS C 203 6.38 -12.88 34.21
N LYS C 204 6.03 -13.42 35.38
CA LYS C 204 6.97 -13.47 36.52
C LYS C 204 8.18 -14.30 36.17
N LYS C 205 7.90 -15.45 35.56
CA LYS C 205 8.92 -16.41 35.15
C LYS C 205 8.66 -16.75 33.70
N GLY C 206 9.76 -16.60 32.99
CA GLY C 206 9.77 -16.90 31.60
C GLY C 206 10.06 -18.36 31.28
N SER C 207 10.64 -18.63 30.11
CA SER C 207 10.74 -20.00 29.62
C SER C 207 11.76 -20.12 28.49
N ILE C 208 12.49 -19.04 28.17
CA ILE C 208 13.33 -18.97 26.98
C ILE C 208 14.54 -18.18 27.46
N TYR C 209 15.79 -18.44 27.04
CA TYR C 209 16.90 -17.55 27.42
C TYR C 209 17.52 -17.04 26.13
N SER C 210 18.13 -15.85 26.13
CA SER C 210 18.60 -15.29 24.89
C SER C 210 19.98 -14.70 25.04
N ILE C 211 21.02 -15.25 24.41
CA ILE C 211 22.38 -14.72 24.50
C ILE C 211 23.18 -15.37 23.40
N ASN C 212 24.25 -14.74 22.90
CA ASN C 212 25.03 -15.34 21.85
C ASN C 212 26.04 -16.28 22.49
N GLU C 213 25.67 -17.55 22.60
CA GLU C 213 26.52 -18.57 23.17
C GLU C 213 27.81 -18.89 22.44
N GLY C 214 28.10 -18.30 21.29
CA GLY C 214 29.37 -18.46 20.60
C GLY C 214 30.45 -17.89 21.47
N TYR C 215 30.15 -16.84 22.22
CA TYR C 215 31.11 -16.24 23.13
C TYR C 215 31.24 -17.07 24.41
N ALA C 216 30.85 -18.32 24.48
CA ALA C 216 30.96 -19.08 25.73
C ALA C 216 32.40 -19.12 26.26
N LYS C 217 33.39 -19.01 25.36
CA LYS C 217 34.82 -18.95 25.65
C LYS C 217 35.11 -17.79 26.63
N GLU C 218 34.37 -16.67 26.53
CA GLU C 218 34.62 -15.46 27.30
C GLU C 218 33.64 -15.06 28.39
N PHE C 219 32.70 -15.94 28.72
CA PHE C 219 31.70 -15.61 29.72
C PHE C 219 32.18 -15.74 31.17
N ASP C 220 31.74 -14.81 32.02
CA ASP C 220 32.06 -14.86 33.43
C ASP C 220 31.35 -16.06 34.07
N PRO C 221 31.84 -16.58 35.21
CA PRO C 221 31.36 -17.82 35.77
C PRO C 221 29.92 -17.78 36.17
N ALA C 222 29.36 -16.61 36.48
CA ALA C 222 27.95 -16.54 36.87
C ALA C 222 27.07 -16.77 35.64
N ILE C 223 27.37 -16.12 34.51
CA ILE C 223 26.61 -16.37 33.30
C ILE C 223 26.74 -17.83 32.97
N THR C 224 27.98 -18.33 33.00
CA THR C 224 28.25 -19.74 32.75
C THR C 224 27.44 -20.67 33.65
N GLU C 225 27.27 -20.30 34.93
CA GLU C 225 26.53 -21.13 35.83
C GLU C 225 25.07 -21.05 35.44
N TYR C 226 24.51 -19.84 35.22
CA TYR C 226 23.10 -19.67 34.86
C TYR C 226 22.70 -20.46 33.60
N ILE C 227 23.48 -20.35 32.53
CA ILE C 227 23.18 -21.08 31.32
C ILE C 227 23.14 -22.59 31.55
N GLN C 228 24.11 -23.11 32.31
CA GLN C 228 24.19 -24.53 32.61
C GLN C 228 22.91 -24.95 33.30
N ARG C 229 22.50 -24.15 34.28
CA ARG C 229 21.30 -24.37 35.04
C ARG C 229 20.04 -24.38 34.15
N LYS C 230 20.02 -23.63 33.03
CA LYS C 230 18.87 -23.62 32.16
C LYS C 230 18.84 -24.89 31.33
N LYS C 231 19.99 -25.38 30.85
CA LYS C 231 20.05 -26.63 30.09
C LYS C 231 19.91 -27.90 30.97
N PHE C 232 20.45 -27.89 32.17
CA PHE C 232 20.42 -29.04 33.06
C PHE C 232 19.80 -28.59 34.37
N PRO C 233 18.46 -28.40 34.40
CA PRO C 233 17.74 -27.84 35.53
C PRO C 233 17.93 -28.71 36.77
N PRO C 234 18.32 -28.15 37.91
CA PRO C 234 18.82 -28.88 39.07
C PRO C 234 17.86 -29.82 39.78
N ASP C 235 16.64 -29.92 39.27
CA ASP C 235 15.63 -30.78 39.82
C ASP C 235 15.32 -31.78 38.72
N ASN C 236 14.14 -31.87 38.13
CA ASN C 236 13.92 -32.75 37.00
C ASN C 236 13.49 -31.96 35.78
N SER C 237 13.21 -30.67 36.02
CA SER C 237 12.67 -29.73 35.07
C SER C 237 13.20 -29.72 33.64
N ALA C 238 12.25 -29.15 32.89
CA ALA C 238 12.41 -29.01 31.47
C ALA C 238 13.38 -27.86 31.30
N PRO C 239 14.34 -27.98 30.41
CA PRO C 239 15.22 -26.89 30.08
C PRO C 239 14.48 -25.77 29.35
N TYR C 240 15.07 -24.60 29.45
CA TYR C 240 14.56 -23.45 28.76
C TYR C 240 14.86 -23.61 27.28
N GLY C 241 13.99 -23.04 26.42
CA GLY C 241 14.24 -23.00 25.00
C GLY C 241 15.28 -21.91 24.79
N ALA C 242 16.21 -22.06 23.87
CA ALA C 242 17.13 -20.97 23.59
C ALA C 242 16.57 -20.24 22.38
N ARG C 243 16.79 -18.93 22.25
CA ARG C 243 16.39 -18.16 21.08
C ARG C 243 17.33 -16.99 21.02
N TYR C 244 17.91 -16.59 19.91
CA TYR C 244 18.68 -15.35 19.87
C TYR C 244 18.63 -15.01 18.39
N VAL C 245 17.80 -14.03 18.07
CA VAL C 245 17.52 -13.59 16.71
C VAL C 245 18.73 -12.85 16.19
N GLY C 246 19.21 -11.96 17.03
CA GLY C 246 20.36 -11.19 16.67
C GLY C 246 20.07 -9.73 16.52
N SER C 247 18.87 -9.23 16.83
CA SER C 247 18.55 -7.81 16.75
C SER C 247 17.91 -7.53 18.08
N MET C 248 18.41 -6.52 18.78
CA MET C 248 17.98 -6.28 20.13
C MET C 248 16.50 -6.08 20.17
N VAL C 249 15.90 -5.31 19.25
CA VAL C 249 14.47 -5.08 19.34
C VAL C 249 13.71 -6.39 19.17
N ALA C 250 14.08 -7.30 18.28
CA ALA C 250 13.29 -8.54 18.15
C ALA C 250 13.37 -9.45 19.39
N ASP C 251 14.58 -9.57 19.96
CA ASP C 251 14.78 -10.37 21.16
C ASP C 251 14.14 -9.75 22.38
N VAL C 252 14.32 -8.46 22.66
CA VAL C 252 13.63 -7.76 23.75
C VAL C 252 12.11 -7.80 23.51
N HIS C 253 11.57 -7.63 22.29
CA HIS C 253 10.12 -7.73 22.11
C HIS C 253 9.64 -9.15 22.38
N ARG C 254 10.29 -10.20 21.90
CA ARG C 254 9.83 -11.55 22.21
C ARG C 254 9.89 -11.70 23.71
N THR C 255 10.95 -11.19 24.37
CA THR C 255 11.04 -11.29 25.82
C THR C 255 9.89 -10.54 26.49
N LEU C 256 9.44 -9.37 26.03
CA LEU C 256 8.35 -8.65 26.69
C LEU C 256 7.03 -9.39 26.59
N VAL C 257 6.84 -10.06 25.46
CA VAL C 257 5.58 -10.69 25.12
C VAL C 257 5.45 -12.11 25.63
N TYR C 258 6.49 -12.89 25.47
CA TYR C 258 6.50 -14.28 25.84
C TYR C 258 7.12 -14.56 27.23
N GLY C 259 7.97 -13.67 27.75
CA GLY C 259 8.61 -13.84 29.04
C GLY C 259 9.89 -14.65 28.88
N GLY C 260 10.86 -14.41 29.76
CA GLY C 260 12.12 -15.14 29.79
C GLY C 260 13.21 -14.17 30.13
N ILE C 261 14.40 -14.33 29.54
CA ILE C 261 15.48 -13.44 29.88
C ILE C 261 16.31 -13.15 28.64
N PHE C 262 16.90 -11.96 28.59
CA PHE C 262 17.71 -11.56 27.47
C PHE C 262 18.96 -11.05 28.13
N MET C 263 20.09 -11.43 27.56
CA MET C 263 21.37 -11.11 28.11
C MET C 263 22.40 -10.66 27.10
N TYR C 264 23.05 -9.54 27.36
CA TYR C 264 24.23 -9.21 26.60
C TYR C 264 25.22 -8.74 27.67
N PRO C 265 25.91 -9.73 28.28
CA PRO C 265 26.93 -9.50 29.28
C PRO C 265 28.18 -8.95 28.63
N ALA C 266 29.10 -8.55 29.49
CA ALA C 266 30.37 -8.08 29.02
C ALA C 266 31.22 -9.32 28.96
N ASN C 267 31.83 -9.53 27.81
CA ASN C 267 32.78 -10.60 27.64
C ASN C 267 34.12 -9.87 27.72
N LYS C 268 35.24 -10.37 27.21
CA LYS C 268 36.46 -9.57 27.31
C LYS C 268 36.52 -8.67 26.10
N LYS C 269 36.13 -9.13 24.92
CA LYS C 269 36.03 -8.27 23.76
C LYS C 269 34.75 -7.44 23.96
N SER C 270 34.84 -6.46 24.86
CA SER C 270 33.84 -5.53 25.33
C SER C 270 33.66 -5.75 26.83
N PRO C 271 34.65 -5.40 27.66
CA PRO C 271 34.55 -5.51 29.12
C PRO C 271 33.51 -4.59 29.74
N LYS C 272 32.94 -3.64 28.97
CA LYS C 272 31.87 -2.73 29.43
C LYS C 272 30.56 -3.08 28.70
N GLY C 273 30.50 -4.19 27.95
CA GLY C 273 29.33 -4.52 27.19
C GLY C 273 29.48 -4.07 25.75
N LYS C 274 28.43 -4.27 24.96
CA LYS C 274 28.48 -3.82 23.58
C LYS C 274 27.31 -2.91 23.24
N LEU C 275 26.19 -3.03 23.93
CA LEU C 275 25.03 -2.24 23.62
C LEU C 275 25.21 -0.84 24.21
N ARG C 276 24.73 0.21 23.55
CA ARG C 276 24.97 1.55 23.98
C ARG C 276 23.90 1.93 24.98
N LEU C 277 24.34 2.59 26.04
CA LEU C 277 23.51 2.98 27.15
C LEU C 277 22.38 3.95 26.82
N LEU C 278 22.66 5.10 26.23
CA LEU C 278 21.60 6.09 26.05
C LEU C 278 20.53 5.69 25.05
N TYR C 279 20.92 5.01 23.96
CA TYR C 279 19.95 4.68 22.94
C TYR C 279 19.61 3.22 22.70
N GLU C 280 20.17 2.24 23.43
CA GLU C 280 19.72 0.86 23.30
C GLU C 280 19.30 0.38 24.68
N CYS C 281 20.23 0.41 25.64
CA CYS C 281 19.96 -0.05 27.00
C CYS C 281 18.88 0.69 27.78
N ASN C 282 18.99 1.99 27.99
CA ASN C 282 18.00 2.70 28.78
C ASN C 282 16.54 2.61 28.31
N PRO C 283 16.17 2.77 27.03
CA PRO C 283 14.83 2.55 26.54
C PRO C 283 14.31 1.16 26.86
N MET C 284 15.10 0.15 26.52
CA MET C 284 14.69 -1.23 26.75
C MET C 284 14.54 -1.52 28.24
N ALA C 285 15.44 -0.93 29.05
CA ALA C 285 15.37 -1.03 30.49
C ALA C 285 14.14 -0.34 31.02
N TYR C 286 13.81 0.85 30.51
CA TYR C 286 12.63 1.59 30.96
C TYR C 286 11.33 0.85 30.61
N VAL C 287 11.36 0.16 29.47
CA VAL C 287 10.23 -0.60 28.97
C VAL C 287 10.01 -1.81 29.85
N MET C 288 11.09 -2.55 30.15
CA MET C 288 10.99 -3.72 31.00
C MET C 288 10.49 -3.34 32.39
N GLU C 289 11.06 -2.29 32.97
CA GLU C 289 10.64 -1.85 34.30
C GLU C 289 9.19 -1.45 34.32
N LYS C 290 8.67 -0.67 33.36
CA LYS C 290 7.25 -0.36 33.29
C LYS C 290 6.41 -1.60 32.97
N ALA C 291 7.01 -2.58 32.29
CA ALA C 291 6.40 -3.88 32.02
C ALA C 291 6.34 -4.72 33.27
N GLY C 292 7.17 -4.40 34.26
CA GLY C 292 7.17 -5.09 35.53
C GLY C 292 8.20 -6.21 35.53
N GLY C 293 9.31 -5.97 34.81
CA GLY C 293 10.42 -6.89 34.66
C GLY C 293 11.65 -6.17 35.17
N LEU C 294 12.85 -6.72 35.03
CA LEU C 294 14.02 -6.08 35.61
C LEU C 294 15.09 -5.83 34.60
N ALA C 295 15.98 -4.84 34.78
CA ALA C 295 17.10 -4.68 33.88
C ALA C 295 18.32 -4.20 34.61
N THR C 296 19.35 -5.06 34.63
CA THR C 296 20.57 -4.84 35.37
C THR C 296 21.79 -5.06 34.50
N THR C 297 22.94 -4.66 35.04
CA THR C 297 24.25 -4.87 34.44
C THR C 297 24.96 -6.06 35.15
N GLY C 298 24.23 -6.79 35.99
CA GLY C 298 24.77 -7.84 36.81
C GLY C 298 25.10 -7.22 38.16
N LYS C 299 25.61 -5.97 38.15
CA LYS C 299 26.03 -5.23 39.33
C LYS C 299 24.95 -4.22 39.72
N GLU C 300 24.79 -3.09 38.99
CA GLU C 300 23.77 -2.11 39.33
C GLU C 300 22.52 -2.18 38.44
N ALA C 301 21.54 -1.30 38.67
CA ALA C 301 20.32 -1.21 37.87
C ALA C 301 20.69 -0.34 36.67
N VAL C 302 20.21 -0.66 35.46
CA VAL C 302 20.62 0.10 34.28
C VAL C 302 20.16 1.56 34.33
N LEU C 303 18.92 1.79 34.73
CA LEU C 303 18.41 3.15 34.73
C LEU C 303 19.09 4.13 35.71
N ASP C 304 19.88 3.65 36.69
CA ASP C 304 20.56 4.51 37.63
C ASP C 304 21.98 4.86 37.25
N ILE C 305 22.57 4.24 36.24
CA ILE C 305 23.94 4.55 35.81
C ILE C 305 24.00 6.00 35.32
N VAL C 306 24.92 6.87 35.77
CA VAL C 306 24.95 8.23 35.26
C VAL C 306 25.86 8.24 34.04
N PRO C 307 25.38 8.68 32.89
CA PRO C 307 26.16 8.75 31.68
C PRO C 307 27.23 9.81 31.81
N THR C 308 28.30 9.38 31.21
CA THR C 308 29.53 10.10 31.12
C THR C 308 29.76 10.48 29.65
N ASP C 309 29.53 9.53 28.75
CA ASP C 309 29.71 9.73 27.32
C ASP C 309 28.39 9.39 26.68
N ILE C 310 28.05 10.07 25.58
CA ILE C 310 26.79 9.83 24.90
C ILE C 310 26.80 8.50 24.19
N HIS C 311 27.95 7.93 23.82
CA HIS C 311 28.02 6.65 23.13
C HIS C 311 28.56 5.47 23.95
N GLN C 312 28.53 5.70 25.28
CA GLN C 312 28.92 4.76 26.32
C GLN C 312 28.21 3.42 26.15
N ARG C 313 28.95 2.33 26.29
CA ARG C 313 28.44 0.98 26.24
C ARG C 313 28.06 0.58 27.67
N ALA C 314 27.13 -0.35 27.86
CA ALA C 314 26.76 -0.90 29.15
C ALA C 314 26.34 -2.37 28.93
N PRO C 315 26.56 -3.28 29.90
CA PRO C 315 26.04 -4.65 29.92
C PRO C 315 24.59 -4.56 30.29
N ILE C 316 23.83 -5.55 29.86
CA ILE C 316 22.43 -5.58 30.15
C ILE C 316 21.95 -7.00 30.24
N ILE C 317 21.12 -7.22 31.25
CA ILE C 317 20.44 -8.46 31.47
C ILE C 317 19.06 -7.92 31.80
N LEU C 318 18.03 -8.36 31.10
CA LEU C 318 16.69 -7.86 31.33
C LEU C 318 15.74 -8.99 31.08
N GLY C 319 14.58 -8.95 31.70
CA GLY C 319 13.58 -9.96 31.46
C GLY C 319 12.66 -10.03 32.66
N SER C 320 11.96 -11.14 32.74
CA SER C 320 10.99 -11.40 33.78
C SER C 320 11.67 -11.33 35.14
N PRO C 321 11.05 -10.81 36.19
CA PRO C 321 11.70 -10.62 37.49
C PRO C 321 12.34 -11.87 38.09
N GLU C 322 11.68 -13.03 38.05
CA GLU C 322 12.22 -14.22 38.66
C GLU C 322 13.48 -14.71 38.02
N ASP C 323 13.45 -14.84 36.71
CA ASP C 323 14.62 -15.25 35.97
C ASP C 323 15.81 -14.32 36.15
N VAL C 324 15.60 -13.01 36.15
CA VAL C 324 16.68 -12.04 36.34
C VAL C 324 17.19 -12.18 37.76
N THR C 325 16.33 -12.38 38.76
CA THR C 325 16.78 -12.59 40.12
C THR C 325 17.60 -13.88 40.24
N GLU C 326 17.27 -15.05 39.64
CA GLU C 326 18.15 -16.22 39.67
C GLU C 326 19.52 -15.80 39.23
N LEU C 327 19.68 -15.06 38.13
CA LEU C 327 21.02 -14.67 37.71
C LEU C 327 21.68 -13.73 38.73
N LEU C 328 20.95 -12.86 39.41
CA LEU C 328 21.57 -11.99 40.39
C LEU C 328 22.02 -12.74 41.64
N GLU C 329 21.27 -13.73 42.14
CA GLU C 329 21.73 -14.49 43.28
C GLU C 329 22.99 -15.24 42.82
N ILE C 330 23.02 -15.78 41.60
CA ILE C 330 24.20 -16.43 41.07
C ILE C 330 25.37 -15.45 40.99
N TYR C 331 25.12 -14.19 40.63
CA TYR C 331 26.16 -13.19 40.61
C TYR C 331 26.79 -12.94 41.96
N GLN C 332 25.93 -12.69 42.95
CA GLN C 332 26.36 -12.42 44.31
C GLN C 332 27.05 -13.66 44.90
N LYS C 333 26.61 -14.87 44.57
CA LYS C 333 27.24 -16.10 44.98
C LYS C 333 28.69 -16.21 44.48
N HIS C 334 29.27 -15.32 43.68
CA HIS C 334 30.66 -15.46 43.21
C HIS C 334 31.39 -14.14 43.47
N ALA C 335 30.97 -13.43 44.51
CA ALA C 335 31.61 -12.20 44.90
C ALA C 335 32.51 -12.50 46.10
N ASN D 9 16.39 -1.10 -17.05
CA ASN D 9 16.26 -2.50 -17.47
C ASN D 9 16.07 -3.37 -16.23
N ILE D 10 14.95 -4.10 -16.09
CA ILE D 10 14.60 -4.79 -14.84
C ILE D 10 13.99 -6.16 -15.13
N VAL D 11 14.17 -7.16 -14.27
CA VAL D 11 13.54 -8.44 -14.54
C VAL D 11 12.59 -8.64 -13.39
N THR D 12 11.33 -8.98 -13.68
CA THR D 12 10.34 -9.29 -12.67
C THR D 12 10.27 -10.82 -12.63
N LEU D 13 9.65 -11.40 -11.60
CA LEU D 13 9.48 -12.84 -11.58
C LEU D 13 8.64 -13.24 -12.80
N THR D 14 7.55 -12.52 -13.13
CA THR D 14 6.69 -12.89 -14.25
C THR D 14 7.38 -12.97 -15.58
N ARG D 15 8.26 -12.01 -15.82
CA ARG D 15 9.01 -12.06 -17.03
C ARG D 15 9.90 -13.28 -16.92
N PHE D 16 10.81 -13.39 -15.95
CA PHE D 16 11.74 -14.52 -15.79
C PHE D 16 11.10 -15.89 -15.94
N VAL D 17 9.94 -16.09 -15.34
CA VAL D 17 9.28 -17.38 -15.36
C VAL D 17 8.88 -17.72 -16.77
N MET D 18 8.35 -16.73 -17.49
CA MET D 18 7.94 -16.90 -18.87
C MET D 18 9.19 -17.12 -19.72
N GLU D 19 10.26 -16.30 -19.64
CA GLU D 19 11.52 -16.51 -20.36
C GLU D 19 12.04 -17.95 -20.16
N GLN D 20 11.99 -18.48 -18.94
CA GLN D 20 12.40 -19.85 -18.67
C GLN D 20 11.41 -20.89 -19.22
N GLY D 21 10.09 -20.68 -19.21
CA GLY D 21 9.13 -21.59 -19.82
C GLY D 21 9.25 -21.69 -21.34
N ARG D 22 9.66 -20.59 -21.96
CA ARG D 22 9.94 -20.56 -23.38
C ARG D 22 11.28 -21.24 -23.64
N LYS D 23 12.39 -20.92 -22.95
CA LYS D 23 13.65 -21.62 -23.16
C LYS D 23 13.48 -23.12 -22.99
N ALA D 24 12.57 -23.59 -22.13
CA ALA D 24 12.38 -25.02 -21.91
C ALA D 24 11.37 -25.74 -22.78
N ARG D 25 10.76 -25.01 -23.73
CA ARG D 25 9.73 -25.53 -24.62
C ARG D 25 8.58 -26.15 -23.83
N GLY D 26 8.17 -25.48 -22.75
CA GLY D 26 7.13 -26.04 -21.90
C GLY D 26 5.77 -25.80 -22.52
N THR D 27 4.76 -26.60 -22.19
CA THR D 27 3.41 -26.33 -22.66
C THR D 27 2.79 -25.14 -21.95
N GLY D 28 3.47 -24.51 -20.99
CA GLY D 28 2.95 -23.36 -20.27
C GLY D 28 2.16 -23.71 -19.02
N GLU D 29 1.92 -25.00 -18.76
CA GLU D 29 1.27 -25.45 -17.51
C GLU D 29 2.05 -25.15 -16.22
N MET D 30 3.37 -25.33 -16.27
CA MET D 30 4.14 -25.02 -15.09
C MET D 30 4.20 -23.52 -14.92
N THR D 31 4.26 -22.73 -16.00
CA THR D 31 4.32 -21.27 -15.87
C THR D 31 3.06 -20.74 -15.20
N GLN D 32 1.89 -21.28 -15.54
CA GLN D 32 0.69 -20.92 -14.84
C GLN D 32 0.78 -21.35 -13.39
N LEU D 33 1.35 -22.53 -13.09
CA LEU D 33 1.52 -22.93 -11.70
C LEU D 33 2.36 -21.91 -10.94
N LEU D 34 3.45 -21.45 -11.52
CA LEU D 34 4.36 -20.56 -10.83
C LEU D 34 3.78 -19.17 -10.71
N ASN D 35 2.96 -18.77 -11.68
CA ASN D 35 2.31 -17.48 -11.64
C ASN D 35 1.29 -17.50 -10.52
N SER D 36 0.58 -18.60 -10.35
CA SER D 36 -0.36 -18.68 -9.26
C SER D 36 0.31 -18.60 -7.90
N LEU D 37 1.52 -19.16 -7.81
CA LEU D 37 2.24 -19.22 -6.57
C LEU D 37 2.74 -17.84 -6.18
N CYS D 38 3.10 -17.04 -7.18
CA CYS D 38 3.50 -15.65 -6.98
C CYS D 38 2.30 -14.88 -6.40
N THR D 39 1.15 -14.88 -7.08
CA THR D 39 -0.05 -14.23 -6.60
C THR D 39 -0.43 -14.64 -5.17
N ALA D 40 -0.29 -15.93 -4.80
CA ALA D 40 -0.67 -16.35 -3.47
C ALA D 40 0.32 -15.85 -2.43
N VAL D 41 1.63 -15.86 -2.72
CA VAL D 41 2.63 -15.38 -1.80
C VAL D 41 2.41 -13.88 -1.55
N LYS D 42 1.97 -13.07 -2.53
CA LYS D 42 1.66 -11.67 -2.31
C LYS D 42 0.41 -11.52 -1.49
N ALA D 43 -0.65 -12.28 -1.71
CA ALA D 43 -1.82 -12.21 -0.84
C ALA D 43 -1.44 -12.59 0.58
N ILE D 44 -0.57 -13.60 0.80
CA ILE D 44 -0.15 -14.01 2.15
C ILE D 44 0.67 -12.90 2.77
N SER D 45 1.64 -12.29 2.07
CA SER D 45 2.43 -11.19 2.58
C SER D 45 1.54 -10.06 3.10
N THR D 46 0.56 -9.61 2.30
CA THR D 46 -0.37 -8.59 2.71
C THR D 46 -1.09 -8.93 4.00
N ALA D 47 -1.60 -10.15 4.12
CA ALA D 47 -2.26 -10.59 5.35
C ALA D 47 -1.31 -10.71 6.55
N VAL D 48 -0.03 -11.11 6.35
CA VAL D 48 0.97 -11.22 7.41
C VAL D 48 1.32 -9.82 7.90
N ARG D 49 1.47 -8.78 7.05
CA ARG D 49 1.79 -7.41 7.48
C ARG D 49 0.64 -6.66 8.14
N LYS D 50 -0.47 -7.38 8.27
CA LYS D 50 -1.68 -6.95 8.92
C LYS D 50 -2.47 -5.84 8.25
N ALA D 51 -2.46 -5.79 6.91
CA ALA D 51 -3.21 -4.77 6.19
C ALA D 51 -4.66 -5.07 6.49
N GLY D 52 -5.44 -4.19 7.12
CA GLY D 52 -6.83 -4.47 7.40
C GLY D 52 -7.19 -4.74 8.87
N ILE D 53 -6.22 -4.83 9.80
CA ILE D 53 -6.52 -5.08 11.24
C ILE D 53 -7.47 -4.04 11.81
N ALA D 54 -7.49 -2.79 11.32
CA ALA D 54 -8.38 -1.74 11.80
C ALA D 54 -9.79 -2.27 11.80
N HIS D 55 -10.15 -3.04 10.78
CA HIS D 55 -11.49 -3.58 10.71
C HIS D 55 -11.79 -4.59 11.79
N LEU D 56 -10.83 -5.38 12.31
CA LEU D 56 -11.18 -6.29 13.40
C LEU D 56 -11.36 -5.50 14.67
N TYR D 57 -10.72 -4.35 14.77
CA TYR D 57 -10.79 -3.57 15.99
C TYR D 57 -11.88 -2.52 15.93
N GLY D 58 -12.94 -2.81 15.15
CA GLY D 58 -14.15 -2.02 15.06
C GLY D 58 -14.07 -0.62 14.47
N ILE D 59 -13.22 -0.37 13.48
CA ILE D 59 -13.14 0.94 12.86
C ILE D 59 -14.49 1.25 12.20
N ALA D 60 -15.23 0.23 11.78
CA ALA D 60 -16.53 0.39 11.15
C ALA D 60 -17.59 -0.53 11.77
N GLY D 61 -17.36 -1.03 13.01
CA GLY D 61 -18.26 -2.00 13.65
C GLY D 61 -17.92 -3.44 13.25
N SER D 62 -18.83 -4.22 12.94
N LYS D 72 -8.32 -17.32 10.86
CA LYS D 72 -7.05 -17.24 11.57
C LYS D 72 -6.01 -17.22 10.44
N LEU D 73 -4.82 -16.68 10.69
CA LEU D 73 -3.85 -16.48 9.63
C LEU D 73 -3.34 -17.77 8.99
N ASP D 74 -2.95 -18.82 9.71
CA ASP D 74 -2.47 -20.05 9.09
C ASP D 74 -3.57 -20.72 8.26
N VAL D 75 -4.79 -20.79 8.80
CA VAL D 75 -5.98 -21.27 8.09
C VAL D 75 -6.17 -20.42 6.82
N LEU D 76 -6.43 -19.12 6.91
CA LEU D 76 -6.54 -18.23 5.75
C LEU D 76 -5.40 -18.43 4.76
N SER D 77 -4.15 -18.54 5.19
CA SER D 77 -3.06 -18.80 4.28
C SER D 77 -3.20 -20.15 3.54
N ASN D 78 -3.76 -21.13 4.24
CA ASN D 78 -3.92 -22.47 3.72
C ASN D 78 -4.87 -22.46 2.57
N ASP D 79 -6.04 -21.88 2.85
CA ASP D 79 -7.10 -21.77 1.88
C ASP D 79 -6.69 -20.93 0.69
N LEU D 80 -5.98 -19.81 0.91
CA LEU D 80 -5.43 -19.03 -0.21
C LEU D 80 -4.53 -19.91 -1.09
N VAL D 81 -3.56 -20.66 -0.56
CA VAL D 81 -2.71 -21.48 -1.41
C VAL D 81 -3.49 -22.57 -2.17
N ILE D 82 -4.36 -23.28 -1.48
CA ILE D 82 -5.12 -24.35 -2.12
C ILE D 82 -5.96 -23.77 -3.22
N ASN D 83 -6.71 -22.72 -2.95
CA ASN D 83 -7.55 -22.10 -3.95
C ASN D 83 -6.82 -21.50 -5.12
N VAL D 84 -5.74 -20.75 -4.92
CA VAL D 84 -5.04 -20.14 -6.02
C VAL D 84 -4.37 -21.20 -6.88
N LEU D 85 -3.95 -22.34 -6.33
CA LEU D 85 -3.33 -23.39 -7.15
C LEU D 85 -4.39 -24.29 -7.80
N LYS D 86 -5.50 -24.60 -7.15
CA LYS D 86 -6.58 -25.35 -7.79
C LYS D 86 -7.03 -24.59 -9.05
N SER D 87 -7.19 -23.26 -8.98
CA SER D 87 -7.58 -22.46 -10.13
C SER D 87 -6.49 -22.27 -11.18
N SER D 88 -5.28 -22.85 -11.04
CA SER D 88 -4.30 -22.70 -12.10
C SER D 88 -4.47 -23.79 -13.16
N PHE D 89 -5.34 -24.77 -12.89
CA PHE D 89 -5.58 -25.94 -13.74
C PHE D 89 -4.28 -26.67 -14.05
N ALA D 90 -3.39 -26.76 -13.07
CA ALA D 90 -2.07 -27.32 -13.26
C ALA D 90 -1.67 -28.32 -12.19
N THR D 91 -2.52 -28.63 -11.21
CA THR D 91 -2.16 -29.48 -10.10
C THR D 91 -3.11 -30.67 -9.97
N CYS D 92 -2.68 -31.89 -9.64
CA CYS D 92 -3.60 -32.97 -9.34
C CYS D 92 -3.63 -33.37 -7.87
N VAL D 93 -2.52 -33.24 -7.13
CA VAL D 93 -2.40 -33.66 -5.72
C VAL D 93 -1.70 -32.55 -4.91
N LEU D 94 -2.26 -32.14 -3.78
CA LEU D 94 -1.67 -31.10 -2.93
C LEU D 94 -1.46 -31.70 -1.54
N VAL D 95 -0.38 -31.32 -0.83
CA VAL D 95 -0.09 -31.81 0.51
C VAL D 95 0.25 -30.55 1.25
N THR D 96 -0.39 -30.47 2.39
CA THR D 96 -0.41 -29.33 3.27
C THR D 96 0.02 -29.76 4.68
N GLU D 97 0.59 -28.83 5.43
CA GLU D 97 0.83 -28.96 6.86
C GLU D 97 -0.46 -29.31 7.62
N GLU D 98 -1.50 -28.45 7.51
CA GLU D 98 -2.78 -28.65 8.17
C GLU D 98 -3.55 -29.88 7.76
N ASP D 99 -3.78 -30.04 6.47
CA ASP D 99 -4.55 -31.15 5.96
C ASP D 99 -3.96 -32.51 6.24
N LYS D 100 -4.82 -33.26 6.92
CA LYS D 100 -4.49 -34.60 7.37
C LYS D 100 -4.21 -35.53 6.19
N ASN D 101 -5.05 -35.45 5.14
CA ASN D 101 -4.93 -36.31 3.96
C ASN D 101 -4.46 -35.51 2.76
N ALA D 102 -3.89 -36.12 1.71
CA ALA D 102 -3.53 -35.39 0.50
C ALA D 102 -4.81 -34.87 -0.15
N ILE D 103 -4.76 -33.70 -0.77
CA ILE D 103 -5.92 -33.12 -1.41
C ILE D 103 -5.86 -33.47 -2.89
N ILE D 104 -6.90 -34.12 -3.41
CA ILE D 104 -6.95 -34.48 -4.82
C ILE D 104 -7.90 -33.51 -5.56
N VAL D 105 -7.32 -32.83 -6.54
CA VAL D 105 -8.00 -31.82 -7.33
C VAL D 105 -9.00 -32.52 -8.27
N GLU D 106 -10.12 -31.84 -8.43
CA GLU D 106 -11.25 -32.21 -9.27
C GLU D 106 -10.75 -32.49 -10.70
N PRO D 107 -11.27 -33.48 -11.45
CA PRO D 107 -10.90 -33.71 -12.85
C PRO D 107 -11.05 -32.46 -13.72
N GLU D 108 -12.08 -31.65 -13.51
CA GLU D 108 -12.20 -30.37 -14.17
C GLU D 108 -10.97 -29.48 -13.99
N LYS D 109 -10.29 -29.42 -12.84
CA LYS D 109 -9.12 -28.55 -12.71
C LYS D 109 -7.77 -29.27 -12.73
N ARG D 110 -7.73 -30.57 -13.00
CA ARG D 110 -6.46 -31.28 -13.00
C ARG D 110 -5.47 -30.89 -14.05
N GLY D 111 -4.26 -30.77 -13.56
CA GLY D 111 -3.10 -30.60 -14.41
C GLY D 111 -2.16 -31.67 -13.92
N LYS D 112 -0.89 -31.64 -14.29
CA LYS D 112 -0.03 -32.75 -13.87
C LYS D 112 0.87 -32.53 -12.67
N TYR D 113 0.99 -31.37 -12.05
CA TYR D 113 1.90 -31.23 -10.92
C TYR D 113 1.29 -31.57 -9.58
N VAL D 114 2.20 -31.91 -8.67
CA VAL D 114 1.92 -32.35 -7.29
C VAL D 114 2.59 -31.27 -6.46
N VAL D 115 1.94 -30.60 -5.50
CA VAL D 115 2.60 -29.55 -4.74
C VAL D 115 2.52 -29.85 -3.26
N CYS D 116 3.65 -29.74 -2.56
CA CYS D 116 3.68 -29.99 -1.11
C CYS D 116 4.13 -28.68 -0.51
N PHE D 117 3.42 -28.18 0.47
CA PHE D 117 3.69 -26.86 1.01
C PHE D 117 3.35 -26.74 2.47
N ASP D 118 4.08 -25.82 3.07
CA ASP D 118 3.78 -25.45 4.41
C ASP D 118 3.23 -24.02 4.26
N PRO D 119 1.93 -23.67 4.44
CA PRO D 119 1.43 -22.34 4.13
C PRO D 119 2.03 -21.27 5.04
N LEU D 120 2.29 -21.54 6.32
CA LEU D 120 2.85 -20.52 7.16
C LEU D 120 3.80 -21.10 8.20
N ASP D 121 5.06 -21.33 7.81
CA ASP D 121 6.13 -21.79 8.70
C ASP D 121 6.15 -20.89 9.93
N GLY D 122 6.04 -21.59 11.06
CA GLY D 122 6.11 -20.96 12.37
C GLY D 122 4.88 -20.15 12.75
N SER D 123 3.68 -20.73 12.64
CA SER D 123 2.46 -20.07 13.13
C SER D 123 2.57 -19.71 14.63
N SER D 124 3.33 -20.51 15.39
CA SER D 124 3.65 -20.28 16.81
C SER D 124 4.45 -19.01 17.14
N ASN D 125 4.93 -18.36 16.08
CA ASN D 125 5.86 -17.25 16.16
C ASN D 125 5.31 -15.89 15.78
N ILE D 126 4.12 -15.88 15.17
CA ILE D 126 3.49 -14.65 14.74
C ILE D 126 3.21 -13.67 15.91
N ASP D 127 2.93 -14.14 17.13
CA ASP D 127 2.61 -13.34 18.31
C ASP D 127 3.67 -12.29 18.60
N CYS D 128 4.87 -12.83 18.68
CA CYS D 128 6.09 -12.08 18.92
C CYS D 128 6.64 -11.43 17.65
N LEU D 129 5.92 -11.53 16.52
CA LEU D 129 6.26 -10.98 15.21
C LEU D 129 7.61 -11.40 14.65
N VAL D 130 7.82 -12.69 14.82
CA VAL D 130 9.01 -13.34 14.30
C VAL D 130 8.73 -13.45 12.80
N SER D 131 9.82 -13.37 12.02
CA SER D 131 9.78 -13.67 10.60
C SER D 131 9.09 -15.01 10.39
N ILE D 132 8.11 -15.14 9.49
CA ILE D 132 7.49 -16.41 9.22
C ILE D 132 7.63 -16.62 7.72
N GLY D 133 7.24 -17.77 7.16
CA GLY D 133 7.42 -18.00 5.74
C GLY D 133 6.50 -19.03 5.10
N THR D 134 6.68 -19.29 3.82
CA THR D 134 5.88 -20.29 3.09
C THR D 134 6.91 -21.16 2.38
N ILE D 135 6.75 -22.46 2.44
CA ILE D 135 7.70 -23.37 1.83
C ILE D 135 6.95 -24.19 0.79
N PHE D 136 7.58 -24.49 -0.34
CA PHE D 136 6.93 -25.29 -1.36
C PHE D 136 7.86 -26.18 -2.20
N GLY D 137 7.33 -27.32 -2.61
CA GLY D 137 8.05 -28.23 -3.47
C GLY D 137 7.08 -28.77 -4.51
N ILE D 138 7.52 -28.80 -5.75
CA ILE D 138 6.67 -29.21 -6.84
C ILE D 138 7.28 -30.46 -7.43
N TYR D 139 6.48 -31.51 -7.42
CA TYR D 139 6.79 -32.79 -8.03
C TYR D 139 5.86 -32.90 -9.23
N ARG D 140 6.36 -33.46 -10.29
CA ARG D 140 5.57 -33.71 -11.47
C ARG D 140 4.94 -35.09 -11.25
N LYS D 141 3.64 -35.30 -11.46
CA LYS D 141 3.06 -36.63 -11.30
C LYS D 141 3.67 -37.55 -12.34
N ASN D 142 4.18 -38.64 -11.82
CA ASN D 142 4.83 -39.58 -12.68
C ASN D 142 3.85 -40.69 -13.04
N SER D 143 3.11 -41.20 -12.06
CA SER D 143 2.18 -42.28 -12.28
C SER D 143 1.01 -41.88 -13.18
N THR D 144 0.60 -42.78 -14.09
CA THR D 144 -0.51 -42.54 -15.00
C THR D 144 -1.86 -42.66 -14.31
N ASP D 145 -2.12 -43.72 -13.54
CA ASP D 145 -3.45 -43.94 -12.99
C ASP D 145 -3.85 -42.88 -11.97
N GLU D 146 -5.17 -42.85 -11.75
CA GLU D 146 -5.84 -41.89 -10.90
C GLU D 146 -5.04 -41.52 -9.64
N PRO D 147 -4.70 -40.23 -9.58
CA PRO D 147 -3.85 -39.63 -8.57
C PRO D 147 -4.29 -39.83 -7.13
N SER D 148 -3.30 -39.87 -6.24
CA SER D 148 -3.51 -40.05 -4.82
C SER D 148 -2.23 -39.82 -4.05
N GLU D 149 -2.23 -40.00 -2.72
CA GLU D 149 -1.09 -39.81 -1.83
C GLU D 149 0.24 -40.25 -2.40
N LYS D 150 0.17 -41.37 -3.11
CA LYS D 150 1.29 -42.01 -3.77
C LYS D 150 2.10 -41.05 -4.65
N ASP D 151 1.47 -40.21 -5.47
CA ASP D 151 2.19 -39.32 -6.39
C ASP D 151 2.98 -38.22 -5.69
N ALA D 152 2.72 -37.99 -4.41
CA ALA D 152 3.45 -37.05 -3.57
C ALA D 152 4.65 -37.71 -2.90
N LEU D 153 4.54 -39.02 -2.69
CA LEU D 153 5.56 -39.77 -2.01
C LEU D 153 6.67 -40.05 -3.00
N GLN D 154 7.51 -39.06 -3.23
CA GLN D 154 8.64 -39.18 -4.15
C GLN D 154 9.89 -38.61 -3.45
N PRO D 155 11.10 -39.15 -3.66
CA PRO D 155 12.31 -38.61 -3.06
C PRO D 155 12.56 -37.19 -3.56
N GLY D 156 13.02 -36.29 -2.72
CA GLY D 156 13.22 -34.89 -3.06
C GLY D 156 14.15 -34.67 -4.23
N ARG D 157 14.99 -35.64 -4.55
CA ARG D 157 15.85 -35.54 -5.72
C ARG D 157 14.99 -35.37 -6.99
N ASN D 158 13.74 -35.84 -6.92
CA ASN D 158 12.77 -35.69 -7.99
C ASN D 158 12.00 -34.36 -7.92
N LEU D 159 12.45 -33.27 -7.28
CA LEU D 159 11.73 -32.02 -7.28
C LEU D 159 12.06 -31.29 -8.57
N VAL D 160 11.04 -30.64 -9.17
CA VAL D 160 11.20 -29.81 -10.38
C VAL D 160 11.50 -28.36 -10.02
N ALA D 161 10.86 -27.94 -8.93
CA ALA D 161 11.05 -26.62 -8.38
C ALA D 161 10.64 -26.66 -6.90
N ALA D 162 11.31 -25.78 -6.19
CA ALA D 162 11.06 -25.62 -4.77
C ALA D 162 11.57 -24.26 -4.35
N GLY D 163 11.19 -23.85 -3.16
CA GLY D 163 11.74 -22.62 -2.64
C GLY D 163 10.89 -22.18 -1.48
N TYR D 164 11.02 -20.92 -1.13
CA TYR D 164 10.30 -20.36 0.01
C TYR D 164 10.04 -18.86 -0.11
N ALA D 165 9.04 -18.36 0.61
CA ALA D 165 8.84 -16.94 0.69
C ALA D 165 9.05 -16.60 2.16
N LEU D 166 9.91 -15.64 2.40
CA LEU D 166 10.18 -15.20 3.74
C LEU D 166 9.48 -13.87 3.97
N TYR D 167 8.64 -13.74 4.99
CA TYR D 167 7.96 -12.50 5.32
C TYR D 167 8.60 -11.89 6.58
N GLY D 168 9.72 -11.21 6.39
CA GLY D 168 10.44 -10.62 7.49
C GLY D 168 10.47 -9.12 7.32
N SER D 169 11.65 -8.50 7.49
CA SER D 169 11.81 -7.06 7.38
C SER D 169 11.24 -6.64 6.02
N ALA D 170 11.58 -7.37 4.97
CA ALA D 170 11.00 -7.21 3.65
C ALA D 170 10.43 -8.58 3.22
N THR D 171 9.76 -8.79 2.07
CA THR D 171 9.32 -10.11 1.69
C THR D 171 10.20 -10.63 0.56
N MET D 172 10.75 -11.84 0.62
CA MET D 172 11.59 -12.34 -0.46
C MET D 172 11.18 -13.72 -0.87
N LEU D 173 11.17 -13.95 -2.18
CA LEU D 173 10.92 -15.28 -2.71
C LEU D 173 12.26 -15.86 -3.22
N VAL D 174 12.56 -17.10 -2.86
CA VAL D 174 13.77 -17.76 -3.31
C VAL D 174 13.26 -18.94 -4.10
N LEU D 175 13.47 -18.96 -5.42
CA LEU D 175 13.06 -20.04 -6.28
C LEU D 175 14.30 -20.80 -6.75
N ALA D 176 14.26 -22.11 -6.61
CA ALA D 176 15.36 -22.91 -7.07
C ALA D 176 14.76 -23.94 -7.99
N MET D 177 15.35 -24.02 -9.16
CA MET D 177 14.89 -25.03 -10.09
C MET D 177 16.12 -25.73 -10.59
N VAL D 178 15.99 -26.69 -11.51
CA VAL D 178 17.12 -27.45 -12.04
C VAL D 178 18.33 -26.61 -12.44
N ASN D 179 18.04 -25.43 -12.95
CA ASN D 179 19.01 -24.43 -13.39
C ASN D 179 19.72 -23.63 -12.30
N GLY D 180 19.21 -23.41 -11.07
CA GLY D 180 19.94 -22.63 -10.07
C GLY D 180 19.00 -22.07 -9.02
N VAL D 181 19.54 -21.19 -8.18
CA VAL D 181 18.80 -20.49 -7.15
C VAL D 181 18.71 -19.01 -7.54
N ASN D 182 17.57 -18.34 -7.46
CA ASN D 182 17.46 -16.92 -7.78
C ASN D 182 16.59 -16.31 -6.71
N CYS D 183 16.97 -15.10 -6.25
CA CYS D 183 16.28 -14.36 -5.19
C CYS D 183 15.53 -13.15 -5.76
N PHE D 184 14.26 -13.03 -5.40
CA PHE D 184 13.38 -11.98 -5.88
C PHE D 184 12.89 -11.20 -4.67
N MET D 185 12.92 -9.88 -4.70
CA MET D 185 12.45 -9.05 -3.62
C MET D 185 11.08 -8.52 -4.01
N LEU D 186 10.06 -8.64 -3.17
CA LEU D 186 8.77 -8.03 -3.44
C LEU D 186 8.86 -6.53 -3.20
N ASP D 187 8.48 -5.81 -4.25
CA ASP D 187 8.25 -4.37 -4.14
C ASP D 187 6.76 -4.25 -3.84
N PRO D 188 6.32 -3.92 -2.64
CA PRO D 188 4.91 -3.89 -2.29
C PRO D 188 4.13 -2.70 -2.87
N ALA D 189 4.79 -1.66 -3.40
CA ALA D 189 4.06 -0.54 -3.97
C ALA D 189 3.36 -0.98 -5.25
N ILE D 190 4.00 -1.81 -6.10
CA ILE D 190 3.42 -2.25 -7.37
C ILE D 190 3.14 -3.72 -7.40
N GLY D 191 3.48 -4.41 -6.30
CA GLY D 191 3.26 -5.84 -6.21
C GLY D 191 3.99 -6.63 -7.30
N GLU D 192 5.30 -6.46 -7.41
CA GLU D 192 6.04 -7.23 -8.38
C GLU D 192 7.26 -7.80 -7.68
N PHE D 193 7.68 -9.04 -7.94
CA PHE D 193 8.92 -9.53 -7.35
C PHE D 193 10.07 -9.23 -8.32
N ILE D 194 10.96 -8.34 -7.94
CA ILE D 194 12.11 -7.95 -8.74
C ILE D 194 13.33 -8.89 -8.52
N LEU D 195 14.06 -9.27 -9.56
CA LEU D 195 15.21 -10.13 -9.41
C LEU D 195 16.36 -9.30 -8.88
N VAL D 196 16.73 -9.72 -7.67
CA VAL D 196 17.80 -9.05 -6.95
C VAL D 196 19.09 -9.84 -6.89
N ASP D 197 19.06 -11.16 -6.67
CA ASP D 197 20.30 -11.90 -6.59
C ASP D 197 20.17 -13.09 -7.49
N ARG D 198 21.06 -13.30 -8.44
CA ARG D 198 20.89 -14.40 -9.36
C ARG D 198 22.05 -15.39 -9.32
N ASN D 199 21.59 -16.65 -9.45
CA ASN D 199 22.37 -17.88 -9.43
C ASN D 199 23.26 -17.88 -8.20
N VAL D 200 22.52 -17.85 -7.08
CA VAL D 200 23.12 -17.72 -5.75
C VAL D 200 23.87 -18.99 -5.40
N LYS D 201 25.06 -18.86 -4.84
CA LYS D 201 25.81 -20.01 -4.42
C LYS D 201 26.27 -19.66 -3.02
N ILE D 202 26.01 -20.56 -2.05
CA ILE D 202 26.42 -20.33 -0.67
C ILE D 202 27.95 -20.36 -0.47
N LYS D 203 28.47 -19.79 0.61
CA LYS D 203 29.87 -19.85 0.95
C LYS D 203 30.33 -21.27 1.23
N LYS D 204 31.61 -21.54 0.98
CA LYS D 204 32.21 -22.83 1.26
C LYS D 204 32.17 -23.17 2.76
N LYS D 205 32.51 -22.21 3.60
CA LYS D 205 32.55 -22.37 5.04
C LYS D 205 32.01 -21.05 5.60
N GLY D 206 31.21 -21.04 6.66
CA GLY D 206 30.67 -19.82 7.23
C GLY D 206 31.19 -19.61 8.66
N SER D 207 30.56 -18.74 9.44
CA SER D 207 31.01 -18.48 10.81
C SER D 207 29.89 -18.38 11.80
N ILE D 208 28.72 -18.98 11.55
CA ILE D 208 27.58 -18.90 12.45
C ILE D 208 27.04 -20.31 12.57
N TYR D 209 26.57 -20.76 13.74
CA TYR D 209 25.98 -22.08 13.86
C TYR D 209 24.63 -21.81 14.48
N SER D 210 23.65 -22.55 14.01
CA SER D 210 22.27 -22.34 14.38
C SER D 210 21.74 -23.71 14.79
N ILE D 211 21.27 -23.76 16.04
CA ILE D 211 20.65 -24.90 16.69
C ILE D 211 20.00 -24.35 17.98
N ASN D 212 18.91 -24.96 18.47
CA ASN D 212 18.32 -24.59 19.75
C ASN D 212 19.11 -25.31 20.83
N GLU D 213 20.08 -24.66 21.45
CA GLU D 213 20.90 -25.30 22.48
C GLU D 213 20.18 -25.73 23.75
N GLY D 214 18.97 -25.28 24.06
CA GLY D 214 18.25 -25.71 25.27
C GLY D 214 17.93 -27.20 25.28
N TYR D 215 18.13 -27.90 24.18
CA TYR D 215 17.96 -29.33 24.19
C TYR D 215 19.34 -29.97 24.31
N ALA D 216 20.33 -29.27 24.86
CA ALA D 216 21.69 -29.76 25.01
C ALA D 216 21.81 -31.11 25.68
N LYS D 217 20.94 -31.42 26.67
CA LYS D 217 21.01 -32.69 27.37
C LYS D 217 20.61 -33.83 26.45
N GLU D 218 19.70 -33.57 25.51
CA GLU D 218 19.17 -34.59 24.62
C GLU D 218 19.96 -34.79 23.36
N PHE D 219 21.04 -34.06 23.13
CA PHE D 219 21.80 -34.20 21.90
C PHE D 219 22.51 -35.54 21.75
N ASP D 220 22.90 -35.86 20.53
CA ASP D 220 23.71 -37.04 20.32
C ASP D 220 25.15 -36.56 20.47
N PRO D 221 26.12 -37.46 20.75
CA PRO D 221 27.51 -37.09 20.94
C PRO D 221 28.23 -36.40 19.79
N ALA D 222 27.84 -36.63 18.52
CA ALA D 222 28.53 -35.96 17.43
C ALA D 222 28.16 -34.49 17.44
N ILE D 223 26.90 -34.14 17.74
CA ILE D 223 26.48 -32.74 17.86
C ILE D 223 27.25 -32.02 18.96
N THR D 224 27.29 -32.65 20.14
CA THR D 224 27.98 -32.09 21.29
C THR D 224 29.42 -31.73 20.96
N GLU D 225 30.10 -32.67 20.33
CA GLU D 225 31.49 -32.47 19.95
C GLU D 225 31.60 -31.34 18.93
N TYR D 226 30.71 -31.31 17.94
CA TYR D 226 30.76 -30.30 16.89
C TYR D 226 30.60 -28.93 17.51
N ILE D 227 29.54 -28.77 18.29
CA ILE D 227 29.27 -27.50 18.93
C ILE D 227 30.44 -27.08 19.83
N GLN D 228 31.07 -28.01 20.53
CA GLN D 228 32.19 -27.64 21.36
C GLN D 228 33.34 -27.14 20.51
N ARG D 229 33.57 -27.75 19.35
CA ARG D 229 34.63 -27.30 18.47
C ARG D 229 34.33 -25.90 17.97
N LYS D 230 33.04 -25.59 17.80
CA LYS D 230 32.66 -24.27 17.32
C LYS D 230 32.74 -23.20 18.41
N LYS D 231 32.47 -23.42 19.70
CA LYS D 231 32.66 -22.40 20.71
C LYS D 231 34.12 -22.35 21.22
N PHE D 232 34.91 -23.45 21.21
CA PHE D 232 36.30 -23.40 21.68
C PHE D 232 37.05 -24.15 20.62
N PRO D 233 37.40 -23.51 19.49
CA PRO D 233 38.16 -24.14 18.43
C PRO D 233 39.48 -24.70 18.98
N PRO D 234 39.85 -25.97 18.76
CA PRO D 234 41.18 -26.51 19.06
C PRO D 234 42.37 -25.79 18.40
N ASP D 235 42.26 -25.48 17.10
CA ASP D 235 43.28 -24.74 16.34
C ASP D 235 43.47 -23.33 16.91
N ASN D 236 42.37 -22.82 17.45
CA ASN D 236 42.23 -21.57 18.17
C ASN D 236 42.23 -20.29 17.37
N SER D 237 41.30 -20.43 16.43
CA SER D 237 40.83 -19.30 15.67
C SER D 237 39.66 -18.71 16.49
N ALA D 238 38.78 -18.03 15.77
CA ALA D 238 37.56 -17.48 16.33
C ALA D 238 36.57 -18.61 16.58
N PRO D 239 35.70 -18.52 17.60
CA PRO D 239 34.48 -19.29 17.71
C PRO D 239 33.44 -18.83 16.67
N TYR D 240 32.47 -19.68 16.45
CA TYR D 240 31.37 -19.36 15.57
C TYR D 240 30.34 -18.57 16.35
N GLY D 241 29.72 -17.57 15.71
CA GLY D 241 28.62 -16.88 16.35
C GLY D 241 27.40 -17.78 16.34
N ALA D 242 26.52 -17.65 17.30
CA ALA D 242 25.29 -18.41 17.30
C ALA D 242 24.15 -17.46 16.97
N ARG D 243 23.11 -17.98 16.27
CA ARG D 243 21.86 -17.27 15.98
C ARG D 243 20.77 -18.33 15.85
N TYR D 244 19.61 -18.19 16.47
CA TYR D 244 18.54 -19.16 16.31
C TYR D 244 17.27 -18.35 16.53
N VAL D 245 16.62 -18.07 15.41
CA VAL D 245 15.42 -17.28 15.34
C VAL D 245 14.31 -18.19 15.73
N GLY D 246 14.39 -19.43 15.24
CA GLY D 246 13.41 -20.41 15.60
C GLY D 246 12.28 -20.44 14.60
N SER D 247 12.55 -20.03 13.37
CA SER D 247 11.59 -20.05 12.32
C SER D 247 12.52 -20.62 11.27
N MET D 248 12.06 -21.73 10.70
CA MET D 248 12.92 -22.43 9.80
C MET D 248 13.21 -21.58 8.57
N VAL D 249 12.30 -20.78 7.98
CA VAL D 249 12.66 -20.01 6.79
C VAL D 249 13.66 -18.89 7.14
N ALA D 250 13.54 -18.19 8.27
CA ALA D 250 14.51 -17.17 8.65
C ALA D 250 15.92 -17.75 8.86
N ASP D 251 16.05 -18.84 9.61
CA ASP D 251 17.33 -19.46 9.91
C ASP D 251 18.01 -19.98 8.65
N VAL D 252 17.30 -20.69 7.78
CA VAL D 252 17.85 -21.19 6.53
C VAL D 252 18.18 -20.04 5.61
N HIS D 253 17.36 -18.98 5.54
CA HIS D 253 17.66 -17.86 4.67
C HIS D 253 18.96 -17.22 5.09
N ARG D 254 19.17 -17.02 6.39
CA ARG D 254 20.41 -16.42 6.86
C ARG D 254 21.58 -17.35 6.54
N THR D 255 21.41 -18.67 6.69
CA THR D 255 22.44 -19.66 6.35
C THR D 255 22.81 -19.56 4.87
N LEU D 256 21.82 -19.38 3.96
CA LEU D 256 22.08 -19.27 2.53
C LEU D 256 22.87 -18.01 2.21
N VAL D 257 22.45 -16.87 2.75
CA VAL D 257 23.02 -15.55 2.46
C VAL D 257 24.37 -15.30 3.11
N TYR D 258 24.45 -15.78 4.33
CA TYR D 258 25.60 -15.50 5.14
C TYR D 258 26.57 -16.67 5.35
N GLY D 259 26.14 -17.91 5.15
CA GLY D 259 26.99 -19.05 5.38
C GLY D 259 26.71 -19.59 6.77
N GLY D 260 27.29 -20.76 7.03
CA GLY D 260 27.18 -21.42 8.31
C GLY D 260 26.46 -22.75 8.21
N ILE D 261 25.88 -23.18 9.32
CA ILE D 261 25.25 -24.47 9.42
C ILE D 261 24.00 -24.33 10.27
N PHE D 262 22.89 -24.91 9.86
CA PHE D 262 21.63 -24.90 10.57
C PHE D 262 21.39 -26.37 10.87
N MET D 263 21.10 -26.68 12.12
CA MET D 263 20.88 -28.04 12.55
C MET D 263 19.54 -28.11 13.23
N TYR D 264 18.75 -29.10 12.89
CA TYR D 264 17.59 -29.41 13.67
C TYR D 264 17.69 -30.93 13.75
N PRO D 265 18.51 -31.45 14.67
CA PRO D 265 18.89 -32.86 14.75
C PRO D 265 17.90 -33.69 15.60
N ALA D 266 18.20 -34.97 15.77
CA ALA D 266 17.34 -35.85 16.55
C ALA D 266 17.53 -35.76 18.07
N ASN D 267 16.67 -34.96 18.70
CA ASN D 267 16.62 -34.92 20.16
C ASN D 267 15.64 -36.04 20.56
N LYS D 268 14.97 -36.10 21.72
CA LYS D 268 14.22 -37.30 21.99
C LYS D 268 12.73 -37.32 21.72
N LYS D 269 12.58 -36.78 20.52
CA LYS D 269 11.38 -36.86 19.73
C LYS D 269 11.66 -37.97 18.72
N SER D 270 12.38 -39.00 19.19
CA SER D 270 12.87 -40.15 18.45
C SER D 270 13.88 -39.70 17.39
N PRO D 271 14.58 -40.60 16.68
CA PRO D 271 15.31 -40.29 15.44
C PRO D 271 14.50 -39.77 14.25
N LYS D 272 13.23 -39.45 14.48
CA LYS D 272 12.36 -38.94 13.45
C LYS D 272 12.76 -37.51 13.24
N GLY D 273 13.06 -36.78 14.31
CA GLY D 273 13.35 -35.37 14.16
C GLY D 273 12.01 -34.65 14.19
N LYS D 274 12.04 -33.34 14.07
CA LYS D 274 10.81 -32.62 14.17
C LYS D 274 10.27 -32.20 12.81
N LEU D 275 11.13 -31.62 11.99
CA LEU D 275 10.77 -31.10 10.69
C LEU D 275 10.22 -32.19 9.79
N ARG D 276 9.22 -31.85 8.97
CA ARG D 276 8.60 -32.78 8.04
C ARG D 276 9.42 -32.90 6.78
N LEU D 277 9.30 -34.07 6.17
CA LEU D 277 10.10 -34.37 5.02
C LEU D 277 9.61 -33.65 3.78
N LEU D 278 8.35 -33.92 3.42
CA LEU D 278 7.89 -33.46 2.13
C LEU D 278 7.77 -31.95 1.95
N TYR D 279 7.31 -31.25 3.00
CA TYR D 279 7.11 -29.81 2.95
C TYR D 279 7.94 -28.86 3.82
N GLU D 280 9.09 -29.25 4.35
CA GLU D 280 9.96 -28.38 5.15
C GLU D 280 11.37 -28.79 4.82
N CYS D 281 11.77 -30.02 5.12
CA CYS D 281 13.13 -30.48 4.86
C CYS D 281 13.45 -30.54 3.40
N ASN D 282 12.67 -31.25 2.59
CA ASN D 282 13.01 -31.42 1.16
C ASN D 282 13.15 -30.17 0.30
N PRO D 283 12.23 -29.16 0.28
CA PRO D 283 12.44 -27.88 -0.39
C PRO D 283 13.72 -27.16 -0.04
N MET D 284 14.00 -27.10 1.26
CA MET D 284 15.16 -26.41 1.75
C MET D 284 16.43 -27.12 1.30
N ALA D 285 16.44 -28.45 1.41
CA ALA D 285 17.57 -29.24 0.96
C ALA D 285 17.87 -29.04 -0.52
N TYR D 286 16.83 -29.05 -1.38
CA TYR D 286 16.99 -28.83 -2.82
C TYR D 286 17.55 -27.44 -3.07
N VAL D 287 17.12 -26.44 -2.31
CA VAL D 287 17.64 -25.11 -2.49
C VAL D 287 19.11 -25.16 -2.09
N MET D 288 19.47 -25.74 -0.95
CA MET D 288 20.85 -25.81 -0.48
C MET D 288 21.78 -26.44 -1.49
N GLU D 289 21.40 -27.65 -1.88
CA GLU D 289 22.14 -28.36 -2.89
C GLU D 289 22.22 -27.58 -4.21
N LYS D 290 21.25 -26.79 -4.68
CA LYS D 290 21.45 -26.03 -5.91
C LYS D 290 22.32 -24.82 -5.64
N ALA D 291 22.32 -24.34 -4.39
CA ALA D 291 23.19 -23.24 -4.01
C ALA D 291 24.60 -23.77 -3.75
N GLY D 292 24.81 -25.07 -3.94
CA GLY D 292 26.11 -25.68 -3.84
C GLY D 292 26.51 -25.79 -2.39
N GLY D 293 25.56 -26.28 -1.60
CA GLY D 293 25.70 -26.51 -0.18
C GLY D 293 25.28 -27.95 0.04
N LEU D 294 25.13 -28.42 1.28
CA LEU D 294 24.82 -29.82 1.48
C LEU D 294 23.67 -29.92 2.44
N ALA D 295 22.89 -30.98 2.37
CA ALA D 295 21.80 -31.23 3.30
C ALA D 295 21.68 -32.71 3.65
N THR D 296 21.70 -33.03 4.94
CA THR D 296 21.80 -34.39 5.41
C THR D 296 21.09 -34.60 6.73
N THR D 297 20.78 -35.88 6.96
CA THR D 297 20.22 -36.41 8.22
C THR D 297 21.36 -36.64 9.19
N GLY D 298 22.55 -36.75 8.62
CA GLY D 298 23.74 -37.14 9.37
C GLY D 298 24.19 -38.49 8.82
N LYS D 299 23.28 -39.24 8.20
CA LYS D 299 23.55 -40.55 7.63
C LYS D 299 23.40 -40.48 6.10
N GLU D 300 22.18 -40.18 5.62
CA GLU D 300 21.85 -40.05 4.21
C GLU D 300 21.71 -38.58 3.80
N ALA D 301 21.75 -38.31 2.49
CA ALA D 301 21.44 -36.98 1.95
C ALA D 301 19.93 -36.86 2.10
N VAL D 302 19.34 -35.73 2.49
CA VAL D 302 17.89 -35.65 2.73
C VAL D 302 17.08 -35.96 1.45
N LEU D 303 17.58 -35.52 0.30
CA LEU D 303 16.85 -35.68 -0.95
C LEU D 303 16.70 -37.12 -1.43
N ASP D 304 17.38 -38.08 -0.80
CA ASP D 304 17.26 -39.44 -1.29
C ASP D 304 16.35 -40.32 -0.43
N ILE D 305 15.76 -39.78 0.62
CA ILE D 305 14.87 -40.59 1.42
C ILE D 305 13.59 -40.84 0.64
N VAL D 306 13.12 -42.07 0.56
CA VAL D 306 11.87 -42.36 -0.14
C VAL D 306 10.78 -42.34 0.94
N PRO D 307 9.77 -41.47 0.88
CA PRO D 307 8.81 -41.29 1.95
C PRO D 307 7.84 -42.45 2.07
N THR D 308 7.55 -42.71 3.32
CA THR D 308 6.56 -43.67 3.71
C THR D 308 5.26 -42.91 3.93
N ASP D 309 5.34 -41.72 4.50
CA ASP D 309 4.14 -40.97 4.80
C ASP D 309 4.40 -39.53 4.37
N ILE D 310 3.33 -38.80 4.07
CA ILE D 310 3.45 -37.42 3.63
C ILE D 310 3.84 -36.51 4.80
N HIS D 311 3.29 -36.78 5.98
CA HIS D 311 3.57 -35.98 7.15
C HIS D 311 4.78 -36.48 7.94
N GLN D 312 5.51 -37.45 7.39
CA GLN D 312 6.73 -38.01 7.95
C GLN D 312 7.75 -36.96 8.33
N ARG D 313 8.45 -37.18 9.44
CA ARG D 313 9.43 -36.24 9.95
C ARG D 313 10.79 -36.72 9.51
N ALA D 314 11.82 -35.91 9.73
CA ALA D 314 13.18 -36.23 9.35
C ALA D 314 14.05 -35.17 9.99
N PRO D 315 15.23 -35.57 10.51
CA PRO D 315 16.28 -34.68 10.99
C PRO D 315 16.91 -33.93 9.83
N ILE D 316 17.61 -32.83 10.08
CA ILE D 316 18.28 -32.14 9.01
C ILE D 316 19.39 -31.26 9.56
N ILE D 317 20.47 -31.23 8.80
CA ILE D 317 21.61 -30.37 9.03
C ILE D 317 21.86 -29.90 7.61
N LEU D 318 22.12 -28.60 7.40
CA LEU D 318 22.33 -28.05 6.07
C LEU D 318 23.22 -26.85 6.16
N GLY D 319 23.92 -26.51 5.09
CA GLY D 319 24.69 -25.29 5.16
C GLY D 319 25.86 -25.33 4.25
N SER D 320 26.86 -24.52 4.59
CA SER D 320 28.04 -24.33 3.80
C SER D 320 28.77 -25.65 3.67
N PRO D 321 29.25 -26.03 2.48
CA PRO D 321 29.85 -27.34 2.17
C PRO D 321 30.75 -27.94 3.26
N GLU D 322 31.80 -27.19 3.61
CA GLU D 322 32.80 -27.58 4.58
C GLU D 322 32.26 -27.77 5.96
N ASP D 323 31.43 -26.82 6.43
CA ASP D 323 30.83 -26.95 7.73
C ASP D 323 30.06 -28.23 7.87
N VAL D 324 29.26 -28.58 6.86
CA VAL D 324 28.45 -29.80 6.92
C VAL D 324 29.39 -31.01 6.86
N THR D 325 30.38 -31.01 5.97
CA THR D 325 31.38 -32.07 5.93
C THR D 325 32.06 -32.36 7.28
N GLU D 326 32.52 -31.30 7.96
CA GLU D 326 33.17 -31.37 9.26
C GLU D 326 32.29 -32.12 10.26
N LEU D 327 31.01 -31.79 10.33
CA LEU D 327 30.13 -32.51 11.23
C LEU D 327 29.88 -33.93 10.74
N LEU D 328 29.82 -34.23 9.44
CA LEU D 328 29.63 -35.60 9.04
C LEU D 328 30.81 -36.46 9.45
N GLU D 329 32.06 -35.95 9.38
CA GLU D 329 33.24 -36.65 9.84
C GLU D 329 33.09 -36.97 11.33
N ILE D 330 32.60 -36.04 12.16
CA ILE D 330 32.40 -36.29 13.59
C ILE D 330 31.32 -37.33 13.82
N TYR D 331 30.24 -37.35 13.03
CA TYR D 331 29.26 -38.41 13.16
C TYR D 331 29.93 -39.74 12.95
N GLN D 332 30.79 -39.81 11.92
CA GLN D 332 31.54 -41.00 11.54
C GLN D 332 32.42 -41.59 12.64
N LYS D 333 33.07 -40.74 13.46
CA LYS D 333 33.87 -41.21 14.58
C LYS D 333 33.00 -41.80 15.70
N HIS D 334 31.66 -41.73 15.72
CA HIS D 334 30.92 -42.28 16.84
C HIS D 334 30.09 -43.43 16.31
N ALA D 335 30.80 -44.29 15.60
CA ALA D 335 30.26 -45.48 14.99
C ALA D 335 31.14 -46.61 15.57
#